data_7CXD
#
_entry.id   7CXD
#
_cell.length_a   67.241
_cell.length_b   58.712
_cell.length_c   70.773
_cell.angle_alpha   90.000
_cell.angle_beta   113.850
_cell.angle_gamma   90.000
#
_symmetry.space_group_name_H-M   'P 1 21 1'
#
loop_
_entity.id
_entity.type
_entity.pdbx_description
1 polymer Galectin-3
2 non-polymer 'BROMIDE ION'
3 non-polymer '3-deoxy-3-[4-(3-fluorophenyl)-1H-1,2,3-triazol-1-yl]-beta-D-galactopyranosyl 3-deoxy-3-[4-(3-fluorophenyl)-1H-1,2,3-triazol-1-yl]-1-thio-beta-D-galactopyranoside'
4 water water
#
_entity_poly.entity_id   1
_entity_poly.type   'polypeptide(L)'
_entity_poly.pdbx_seq_one_letter_code
;GHMGAPTGPLTVPYDMPLPGGVMPRMLITIIGTVKPNANSITLNFKKGNDIAFHFNPRFNENNRRVIVCNTKQDNNWGRE
ERQSAFPFESGKPFKIQVLVEADHFKVAVNDVHLLQYNHRMKNLREISQLGIIGDITLTSASHAMI
;
_entity_poly.pdbx_strand_id   A,B,D,E
#
loop_
_chem_comp.id
_chem_comp.type
_chem_comp.name
_chem_comp.formula
BR non-polymer 'BROMIDE ION' 'Br -1'
TD2 non-polymer '3-deoxy-3-[4-(3-fluorophenyl)-1H-1,2,3-triazol-1-yl]-beta-D-galactopyranosyl 3-deoxy-3-[4-(3-fluorophenyl)-1H-1,2,3-triazol-1-yl]-1-thio-beta-D-galactopyranoside' 'C28 H30 F2 N6 O8 S'
#
# COMPACT_ATOMS: atom_id res chain seq x y z
N PRO A 9 -4.10 7.59 9.02
CA PRO A 9 -3.25 7.17 7.89
C PRO A 9 -3.42 8.07 6.66
N LEU A 10 -2.36 8.81 6.31
CA LEU A 10 -2.37 9.67 5.12
C LEU A 10 -1.76 8.89 3.98
N THR A 11 -2.43 8.89 2.82
CA THR A 11 -1.95 8.19 1.64
C THR A 11 -1.64 9.24 0.57
N VAL A 12 -0.70 8.98 -0.35
CA VAL A 12 -0.48 10.03 -1.40
C VAL A 12 -1.00 9.50 -2.75
N PRO A 13 -1.66 10.33 -3.63
CA PRO A 13 -1.93 11.78 -3.51
C PRO A 13 -2.84 12.10 -2.34
N TYR A 14 -2.64 13.27 -1.74
CA TYR A 14 -3.43 13.74 -0.63
C TYR A 14 -3.84 15.16 -0.89
N ASP A 15 -5.08 15.47 -0.58
CA ASP A 15 -5.59 16.81 -0.69
C ASP A 15 -5.87 17.33 0.71
N MET A 16 -5.05 18.30 1.15
CA MET A 16 -5.22 18.92 2.47
C MET A 16 -6.21 20.03 2.29
N PRO A 17 -7.41 19.97 2.88
CA PRO A 17 -8.35 21.09 2.68
C PRO A 17 -7.88 22.35 3.39
N LEU A 18 -8.23 23.49 2.80
CA LEU A 18 -7.93 24.81 3.32
C LEU A 18 -9.25 25.57 3.34
N PRO A 19 -10.08 25.35 4.39
CA PRO A 19 -11.40 26.01 4.47
C PRO A 19 -11.37 27.53 4.32
N GLY A 20 -10.40 28.19 4.95
CA GLY A 20 -10.25 29.64 4.88
C GLY A 20 -9.21 30.09 3.86
N GLY A 21 -8.81 29.15 2.99
CA GLY A 21 -7.75 29.37 2.01
C GLY A 21 -6.42 29.53 2.72
N VAL A 22 -5.53 30.40 2.24
CA VAL A 22 -4.28 30.71 2.94
C VAL A 22 -4.29 32.20 3.30
N MET A 23 -3.56 32.57 4.34
CA MET A 23 -3.49 33.97 4.78
C MET A 23 -2.18 34.22 5.48
N PRO A 24 -1.70 35.48 5.57
CA PRO A 24 -0.46 35.74 6.31
C PRO A 24 -0.49 35.14 7.70
N ARG A 25 0.64 34.55 8.11
CA ARG A 25 0.89 33.91 9.39
C ARG A 25 0.44 32.44 9.42
N MET A 26 -0.08 31.91 8.30
CA MET A 26 -0.41 30.50 8.26
C MET A 26 0.85 29.72 7.98
N LEU A 27 1.12 28.71 8.82
CA LEU A 27 2.22 27.80 8.67
C LEU A 27 1.68 26.42 8.38
N ILE A 28 2.11 25.82 7.25
CA ILE A 28 1.74 24.48 6.83
C ILE A 28 2.93 23.61 7.05
N THR A 29 2.76 22.51 7.78
CA THR A 29 3.83 21.57 8.10
C THR A 29 3.49 20.21 7.51
N ILE A 30 4.35 19.72 6.63
CA ILE A 30 4.18 18.42 5.98
C ILE A 30 5.35 17.56 6.39
N ILE A 31 5.07 16.45 7.05
CA ILE A 31 6.07 15.52 7.53
C ILE A 31 5.87 14.17 6.87
N GLY A 32 6.96 13.60 6.37
CA GLY A 32 6.91 12.30 5.74
C GLY A 32 8.28 11.74 5.46
N THR A 33 8.35 10.82 4.50
CA THR A 33 9.61 10.20 4.09
C THR A 33 9.65 10.12 2.57
N VAL A 34 10.81 10.40 1.98
CA VAL A 34 11.00 10.27 0.54
C VAL A 34 11.12 8.78 0.25
N LYS A 35 10.37 8.27 -0.74
CA LYS A 35 10.41 6.87 -1.13
C LYS A 35 11.78 6.50 -1.68
N PRO A 36 12.22 5.22 -1.58
CA PRO A 36 13.52 4.84 -2.18
C PRO A 36 13.45 5.06 -3.69
N ASN A 37 14.51 5.63 -4.28
CA ASN A 37 14.60 5.87 -5.73
C ASN A 37 13.51 6.81 -6.24
N ALA A 38 13.28 7.89 -5.50
CA ALA A 38 12.28 8.91 -5.85
C ALA A 38 12.63 9.64 -7.13
N ASN A 39 11.60 10.10 -7.85
CA ASN A 39 11.78 10.86 -9.07
C ASN A 39 11.33 12.29 -8.86
N SER A 40 10.22 12.49 -8.14
CA SER A 40 9.72 13.84 -7.90
C SER A 40 8.74 13.92 -6.76
N ILE A 41 8.52 15.15 -6.28
CA ILE A 41 7.58 15.48 -5.22
C ILE A 41 6.87 16.71 -5.72
N THR A 42 5.58 16.85 -5.42
CA THR A 42 4.89 18.06 -5.78
C THR A 42 3.96 18.53 -4.68
N LEU A 43 3.98 19.84 -4.37
CA LEU A 43 2.99 20.46 -3.49
C LEU A 43 2.29 21.46 -4.40
N ASN A 44 0.98 21.39 -4.51
CA ASN A 44 0.14 22.28 -5.31
C ASN A 44 -0.88 23.03 -4.45
N PHE A 45 -0.70 24.36 -4.31
CA PHE A 45 -1.63 25.21 -3.60
C PHE A 45 -2.61 25.59 -4.70
N LYS A 46 -3.81 24.96 -4.66
CA LYS A 46 -4.81 25.05 -5.72
C LYS A 46 -5.97 25.97 -5.47
N LYS A 47 -6.43 26.60 -6.56
CA LYS A 47 -7.56 27.53 -6.60
C LYS A 47 -8.40 27.07 -7.78
N GLY A 48 -9.16 26.01 -7.55
CA GLY A 48 -9.97 25.36 -8.57
C GLY A 48 -9.10 24.55 -9.50
N ASN A 49 -9.09 24.93 -10.79
CA ASN A 49 -8.25 24.26 -11.81
C ASN A 49 -6.88 24.95 -11.89
N ASP A 50 -6.75 26.12 -11.25
CA ASP A 50 -5.52 26.90 -11.20
C ASP A 50 -4.61 26.44 -10.05
N ILE A 51 -3.28 26.60 -10.22
CA ILE A 51 -2.30 26.26 -9.18
C ILE A 51 -1.55 27.56 -8.84
N ALA A 52 -1.92 28.18 -7.71
CA ALA A 52 -1.29 29.41 -7.24
C ALA A 52 0.21 29.23 -6.97
N PHE A 53 0.58 28.09 -6.38
CA PHE A 53 1.98 27.82 -6.07
C PHE A 53 2.21 26.35 -6.19
N HIS A 54 3.05 25.96 -7.16
CA HIS A 54 3.45 24.59 -7.48
C HIS A 54 4.91 24.51 -7.06
N PHE A 55 5.23 23.58 -6.15
CA PHE A 55 6.56 23.39 -5.58
C PHE A 55 6.98 22.02 -5.96
N ASN A 56 7.98 21.91 -6.85
CA ASN A 56 8.28 20.64 -7.45
C ASN A 56 9.76 20.19 -7.44
N PRO A 57 10.22 19.51 -6.35
CA PRO A 57 11.55 18.90 -6.37
C PRO A 57 11.61 17.76 -7.40
N ARG A 58 12.60 17.81 -8.30
CA ARG A 58 12.85 16.81 -9.35
C ARG A 58 14.18 16.19 -9.03
N PHE A 59 14.20 14.89 -8.77
CA PHE A 59 15.42 14.19 -8.38
C PHE A 59 16.33 13.84 -9.56
N ASN A 60 15.78 13.84 -10.78
CA ASN A 60 16.56 13.48 -11.97
C ASN A 60 16.04 14.15 -13.24
N GLU A 61 16.29 15.46 -13.36
CA GLU A 61 15.93 16.18 -14.56
C GLU A 61 17.26 16.35 -15.29
N ASN A 62 17.48 15.60 -16.40
CA ASN A 62 18.72 15.61 -17.18
C ASN A 62 19.94 15.36 -16.27
N ASN A 63 19.81 14.36 -15.36
CA ASN A 63 20.83 13.96 -14.39
C ASN A 63 21.11 15.01 -13.30
N ARG A 64 20.15 15.91 -13.06
CA ARG A 64 20.31 16.96 -12.05
C ARG A 64 19.14 17.00 -11.08
N ARG A 65 19.46 17.34 -9.82
CA ARG A 65 18.44 17.52 -8.78
C ARG A 65 18.15 19.00 -8.74
N VAL A 66 16.90 19.36 -8.95
CA VAL A 66 16.49 20.76 -9.01
C VAL A 66 15.06 20.91 -8.49
N ILE A 67 14.76 22.06 -7.90
CA ILE A 67 13.42 22.37 -7.45
C ILE A 67 12.83 23.39 -8.40
N VAL A 68 11.67 23.07 -8.97
CA VAL A 68 11.00 23.99 -9.90
C VAL A 68 9.76 24.52 -9.23
N CYS A 69 9.54 25.86 -9.22
CA CYS A 69 8.33 26.45 -8.66
C CYS A 69 7.73 27.25 -9.75
N ASN A 70 6.41 27.22 -9.81
CA ASN A 70 5.68 27.92 -10.87
C ASN A 70 4.22 28.10 -10.45
N THR A 71 3.45 28.81 -11.28
CA THR A 71 2.04 29.10 -11.13
C THR A 71 1.33 28.67 -12.44
N LYS A 72 0.19 27.95 -12.31
CA LYS A 72 -0.62 27.54 -13.46
C LYS A 72 -1.93 28.32 -13.42
N GLN A 73 -2.14 29.23 -14.39
CA GLN A 73 -3.35 30.07 -14.53
C GLN A 73 -3.90 29.91 -15.94
N ASP A 74 -5.21 29.66 -16.08
CA ASP A 74 -5.92 29.44 -17.36
C ASP A 74 -5.29 28.31 -18.21
N ASN A 75 -4.90 27.21 -17.53
CA ASN A 75 -4.26 26.02 -18.07
C ASN A 75 -2.86 26.32 -18.69
N ASN A 76 -2.26 27.47 -18.30
CA ASN A 76 -0.94 27.90 -18.76
C ASN A 76 0.03 28.07 -17.60
N TRP A 77 1.21 27.47 -17.72
CA TRP A 77 2.27 27.63 -16.73
C TRP A 77 3.03 28.93 -17.05
N GLY A 78 3.46 29.62 -16.00
CA GLY A 78 4.20 30.88 -16.12
C GLY A 78 5.70 30.63 -16.18
N ARG A 79 6.48 31.62 -15.78
CA ARG A 79 7.94 31.51 -15.73
C ARG A 79 8.34 30.62 -14.55
N GLU A 80 9.27 29.70 -14.81
CA GLU A 80 9.74 28.81 -13.76
C GLU A 80 10.80 29.49 -12.91
N GLU A 81 10.74 29.22 -11.59
CA GLU A 81 11.75 29.69 -10.63
C GLU A 81 12.48 28.41 -10.26
N ARG A 82 13.79 28.36 -10.49
CA ARG A 82 14.58 27.14 -10.27
C ARG A 82 15.54 27.28 -9.11
N GLN A 83 15.66 26.22 -8.28
CA GLN A 83 16.48 26.23 -7.10
C GLN A 83 17.27 24.94 -7.04
N SER A 84 18.61 25.05 -7.13
CA SER A 84 19.47 23.87 -7.05
C SER A 84 19.77 23.43 -5.64
N ALA A 85 19.46 24.26 -4.61
CA ALA A 85 19.59 23.79 -3.21
C ALA A 85 18.52 22.70 -3.07
N PHE A 86 18.94 21.50 -2.67
CA PHE A 86 18.08 20.34 -2.70
C PHE A 86 18.24 19.52 -1.43
N PRO A 87 17.40 19.81 -0.42
CA PRO A 87 17.55 19.14 0.88
C PRO A 87 16.88 17.78 1.03
N PHE A 88 16.31 17.23 -0.03
CA PHE A 88 15.67 15.93 0.00
C PHE A 88 16.63 14.83 -0.41
N GLU A 89 16.42 13.63 0.14
CA GLU A 89 17.20 12.42 -0.14
C GLU A 89 16.28 11.20 -0.14
N SER A 90 16.45 10.28 -1.13
CA SER A 90 15.65 9.07 -1.24
C SER A 90 15.75 8.20 0.00
N GLY A 91 14.61 7.74 0.49
CA GLY A 91 14.49 6.91 1.70
C GLY A 91 14.64 7.67 2.99
N LYS A 92 14.79 9.01 2.93
CA LYS A 92 15.03 9.82 4.11
C LYS A 92 13.83 10.67 4.56
N PRO A 93 13.65 10.82 5.90
CA PRO A 93 12.53 11.64 6.39
C PRO A 93 12.69 13.10 6.03
N PHE A 94 11.58 13.80 5.84
CA PHE A 94 11.61 15.23 5.55
C PHE A 94 10.54 15.91 6.33
N LYS A 95 10.71 17.21 6.51
CA LYS A 95 9.74 18.10 7.07
C LYS A 95 9.74 19.32 6.16
N ILE A 96 8.62 19.59 5.45
CA ILE A 96 8.47 20.79 4.62
C ILE A 96 7.60 21.75 5.41
N GLN A 97 8.03 23.00 5.56
CA GLN A 97 7.22 24.02 6.20
C GLN A 97 7.02 25.15 5.26
N VAL A 98 5.76 25.56 5.08
CA VAL A 98 5.42 26.66 4.19
C VAL A 98 4.81 27.75 5.07
N LEU A 99 5.48 28.91 5.17
CA LEU A 99 4.94 30.05 5.88
C LEU A 99 4.36 31.03 4.87
N VAL A 100 3.09 31.36 5.05
CA VAL A 100 2.41 32.30 4.16
C VAL A 100 2.61 33.71 4.71
N GLU A 101 3.14 34.61 3.87
CA GLU A 101 3.32 36.01 4.22
C GLU A 101 2.47 36.81 3.22
N ALA A 102 2.28 38.11 3.43
CA ALA A 102 1.43 38.91 2.55
C ALA A 102 1.94 38.98 1.11
N ASP A 103 3.28 38.98 0.92
CA ASP A 103 3.93 39.12 -0.39
C ASP A 103 4.47 37.81 -0.98
N HIS A 104 4.71 36.79 -0.14
CA HIS A 104 5.30 35.54 -0.64
C HIS A 104 5.01 34.33 0.24
N PHE A 105 5.36 33.15 -0.27
CA PHE A 105 5.41 31.90 0.50
C PHE A 105 6.88 31.78 0.86
N LYS A 106 7.17 31.32 2.08
CA LYS A 106 8.53 31.05 2.53
C LYS A 106 8.57 29.53 2.75
N VAL A 107 9.52 28.81 2.12
CA VAL A 107 9.58 27.36 2.29
C VAL A 107 10.85 27.01 3.04
N ALA A 108 10.74 26.12 4.01
CA ALA A 108 11.88 25.61 4.76
C ALA A 108 11.78 24.12 4.76
N VAL A 109 12.91 23.46 4.75
CA VAL A 109 12.93 22.00 4.79
C VAL A 109 13.85 21.62 5.93
N ASN A 110 13.37 20.74 6.86
CA ASN A 110 14.13 20.27 8.02
C ASN A 110 14.70 21.45 8.83
N ASP A 111 13.83 22.47 9.06
CA ASP A 111 14.09 23.70 9.85
C ASP A 111 15.12 24.65 9.22
N VAL A 112 15.48 24.44 7.94
CA VAL A 112 16.45 25.27 7.22
C VAL A 112 15.74 25.96 6.05
N HIS A 113 15.85 27.30 5.96
CA HIS A 113 15.23 28.08 4.87
C HIS A 113 15.69 27.56 3.52
N LEU A 114 14.72 27.35 2.62
CA LEU A 114 15.00 26.83 1.29
C LEU A 114 14.77 27.88 0.21
N LEU A 115 13.56 28.46 0.15
CA LEU A 115 13.26 29.44 -0.90
C LEU A 115 12.09 30.30 -0.55
N GLN A 116 11.90 31.37 -1.33
CA GLN A 116 10.78 32.30 -1.22
C GLN A 116 10.12 32.32 -2.58
N TYR A 117 8.79 32.33 -2.60
CA TYR A 117 8.04 32.39 -3.85
C TYR A 117 7.04 33.49 -3.76
N ASN A 118 7.27 34.59 -4.50
CA ASN A 118 6.34 35.73 -4.48
C ASN A 118 5.01 35.38 -5.07
N HIS A 119 3.93 35.85 -4.42
CA HIS A 119 2.57 35.58 -4.87
C HIS A 119 2.33 36.19 -6.24
N ARG A 120 1.81 35.38 -7.15
CA ARG A 120 1.45 35.80 -8.50
C ARG A 120 -0.06 35.93 -8.50
N MET A 121 -0.75 34.94 -7.91
CA MET A 121 -2.20 34.97 -7.70
C MET A 121 -2.40 35.55 -6.30
N LYS A 122 -2.79 36.82 -6.24
CA LYS A 122 -2.94 37.61 -5.01
C LYS A 122 -4.19 37.30 -4.14
N ASN A 123 -5.23 36.67 -4.69
CA ASN A 123 -6.43 36.29 -3.91
C ASN A 123 -6.15 35.02 -3.07
N LEU A 124 -5.35 35.17 -2.01
CA LEU A 124 -4.90 34.06 -1.15
C LEU A 124 -6.01 33.22 -0.52
N ARG A 125 -7.03 33.88 0.01
CA ARG A 125 -8.15 33.21 0.67
C ARG A 125 -8.94 32.26 -0.26
N GLU A 126 -8.71 32.36 -1.59
CA GLU A 126 -9.33 31.51 -2.63
C GLU A 126 -8.62 30.16 -2.83
N ILE A 127 -7.39 30.00 -2.30
CA ILE A 127 -6.62 28.75 -2.40
C ILE A 127 -7.26 27.79 -1.39
N SER A 128 -8.23 26.96 -1.85
N SER A 128 -8.22 26.96 -1.86
CA SER A 128 -9.00 26.06 -0.99
CA SER A 128 -9.02 26.05 -1.04
C SER A 128 -8.39 24.67 -0.72
C SER A 128 -8.41 24.67 -0.76
N GLN A 129 -7.32 24.31 -1.44
CA GLN A 129 -6.69 23.00 -1.22
C GLN A 129 -5.21 22.97 -1.43
N LEU A 130 -4.55 22.07 -0.69
CA LEU A 130 -3.15 21.81 -0.89
C LEU A 130 -3.03 20.35 -1.33
N GLY A 131 -2.60 20.13 -2.56
CA GLY A 131 -2.38 18.79 -3.11
C GLY A 131 -0.95 18.37 -2.85
N ILE A 132 -0.74 17.16 -2.34
CA ILE A 132 0.58 16.63 -1.99
C ILE A 132 0.69 15.31 -2.76
N ILE A 133 1.61 15.29 -3.74
CA ILE A 133 1.77 14.16 -4.67
C ILE A 133 3.24 13.79 -4.82
N GLY A 134 3.47 12.60 -5.35
CA GLY A 134 4.82 12.19 -5.66
C GLY A 134 5.30 11.01 -4.87
N ASP A 135 6.62 10.83 -4.90
CA ASP A 135 7.34 9.68 -4.38
C ASP A 135 7.69 9.84 -2.92
N ILE A 136 6.64 9.93 -2.08
CA ILE A 136 6.75 10.11 -0.64
C ILE A 136 5.72 9.27 0.10
N THR A 137 5.95 9.07 1.39
CA THR A 137 5.00 8.51 2.32
C THR A 137 4.71 9.69 3.23
N LEU A 138 3.48 9.82 3.69
CA LEU A 138 3.12 10.97 4.50
C LEU A 138 2.76 10.56 5.92
N THR A 139 3.40 11.23 6.91
CA THR A 139 3.17 11.03 8.35
C THR A 139 2.09 11.99 8.85
N SER A 140 2.22 13.27 8.51
CA SER A 140 1.27 14.30 8.92
C SER A 140 1.26 15.48 7.98
N ALA A 141 0.13 16.17 7.95
CA ALA A 141 -0.07 17.36 7.13
C ALA A 141 -0.98 18.25 7.95
N SER A 142 -0.44 19.38 8.46
CA SER A 142 -1.24 20.25 9.30
C SER A 142 -0.97 21.72 9.03
N HIS A 143 -1.84 22.58 9.57
CA HIS A 143 -1.71 24.02 9.46
C HIS A 143 -2.05 24.66 10.77
N ALA A 144 -1.43 25.80 11.02
CA ALA A 144 -1.61 26.57 12.24
C ALA A 144 -1.30 28.03 11.96
N MET A 145 -1.89 28.92 12.78
CA MET A 145 -1.66 30.35 12.70
C MET A 145 -0.61 30.68 13.71
N ILE A 146 0.51 31.25 13.25
CA ILE A 146 1.68 31.54 14.10
C ILE A 146 2.08 33.02 14.05
N PRO B 9 -9.16 -8.36 10.76
CA PRO B 9 -9.75 -7.73 11.94
C PRO B 9 -9.66 -8.65 13.15
N LEU B 10 -8.42 -8.89 13.60
CA LEU B 10 -8.11 -9.75 14.75
C LEU B 10 -8.25 -8.95 16.05
N THR B 11 -8.07 -9.61 17.18
CA THR B 11 -8.15 -8.91 18.46
C THR B 11 -6.75 -8.44 18.80
N VAL B 12 -6.64 -7.44 19.65
CA VAL B 12 -5.38 -6.96 20.20
C VAL B 12 -5.56 -6.99 21.74
N PRO B 13 -4.85 -7.81 22.54
CA PRO B 13 -3.77 -8.78 22.26
C PRO B 13 -4.24 -9.90 21.35
N TYR B 14 -3.29 -10.59 20.71
CA TYR B 14 -3.58 -11.77 19.89
C TYR B 14 -2.49 -12.80 20.13
N ASP B 15 -2.87 -14.08 20.21
CA ASP B 15 -1.87 -15.15 20.32
C ASP B 15 -1.94 -16.01 19.08
N MET B 16 -0.94 -15.86 18.20
CA MET B 16 -0.83 -16.68 16.99
C MET B 16 -0.23 -18.01 17.42
N PRO B 17 -0.96 -19.14 17.30
CA PRO B 17 -0.34 -20.41 17.69
C PRO B 17 0.73 -20.85 16.68
N LEU B 18 1.70 -21.59 17.20
CA LEU B 18 2.84 -22.12 16.47
C LEU B 18 2.90 -23.60 16.81
N PRO B 19 2.04 -24.42 16.14
CA PRO B 19 1.93 -25.86 16.47
C PRO B 19 3.24 -26.68 16.54
N GLY B 20 4.24 -26.36 15.73
CA GLY B 20 5.51 -27.08 15.82
C GLY B 20 6.68 -26.19 16.17
N GLY B 21 6.36 -25.10 16.86
CA GLY B 21 7.32 -24.08 17.24
C GLY B 21 7.77 -23.33 16.00
N VAL B 22 9.00 -22.85 16.02
CA VAL B 22 9.61 -22.14 14.89
C VAL B 22 10.74 -23.02 14.36
N MET B 23 11.11 -22.83 13.10
CA MET B 23 12.20 -23.58 12.49
C MET B 23 12.82 -22.77 11.37
N PRO B 24 14.11 -23.03 11.00
CA PRO B 24 14.71 -22.28 9.88
C PRO B 24 13.82 -22.29 8.65
N ARG B 25 13.75 -21.14 7.97
CA ARG B 25 12.96 -20.85 6.76
C ARG B 25 11.50 -20.47 7.05
N MET B 26 11.10 -20.41 8.33
CA MET B 26 9.75 -19.96 8.65
C MET B 26 9.73 -18.45 8.63
N LEU B 27 8.78 -17.90 7.89
CA LEU B 27 8.56 -16.48 7.79
C LEU B 27 7.20 -16.15 8.41
N ILE B 28 7.21 -15.28 9.43
CA ILE B 28 6.01 -14.82 10.11
C ILE B 28 5.74 -13.42 9.61
N THR B 29 4.52 -13.17 9.14
CA THR B 29 4.10 -11.88 8.62
C THR B 29 2.95 -11.35 9.47
N ILE B 30 3.16 -10.18 10.08
CA ILE B 30 2.19 -9.50 10.91
C ILE B 30 1.85 -8.17 10.26
N ILE B 31 0.59 -7.98 9.92
CA ILE B 31 0.10 -6.78 9.25
C ILE B 31 -0.95 -6.11 10.12
N GLY B 32 -0.81 -4.80 10.30
CA GLY B 32 -1.77 -4.01 11.05
C GLY B 32 -1.54 -2.54 10.90
N THR B 33 -2.02 -1.76 11.88
CA THR B 33 -1.86 -0.31 11.89
C THR B 33 -1.51 0.15 13.29
N VAL B 34 -0.55 1.07 13.42
CA VAL B 34 -0.16 1.64 14.71
C VAL B 34 -1.27 2.59 15.12
N LYS B 35 -1.77 2.47 16.36
CA LYS B 35 -2.84 3.34 16.90
C LYS B 35 -2.34 4.79 16.99
N PRO B 36 -3.25 5.81 16.92
CA PRO B 36 -2.78 7.20 17.08
C PRO B 36 -2.20 7.37 18.49
N ASN B 37 -1.07 8.10 18.61
CA ASN B 37 -0.40 8.38 19.88
C ASN B 37 0.01 7.09 20.64
N ALA B 38 0.60 6.15 19.91
CA ALA B 38 1.05 4.86 20.43
C ALA B 38 2.18 5.04 21.43
N ASN B 39 2.27 4.13 22.39
CA ASN B 39 3.34 4.13 23.38
C ASN B 39 4.29 2.97 23.14
N SER B 40 3.75 1.78 22.83
CA SER B 40 4.60 0.63 22.59
C SER B 40 3.89 -0.46 21.82
N ILE B 41 4.69 -1.38 21.27
CA ILE B 41 4.26 -2.57 20.56
C ILE B 41 5.12 -3.68 21.08
N THR B 42 4.55 -4.88 21.21
CA THR B 42 5.37 -6.02 21.64
C THR B 42 5.03 -7.26 20.83
N LEU B 43 6.07 -8.02 20.39
CA LEU B 43 5.91 -9.33 19.82
C LEU B 43 6.68 -10.22 20.79
N ASN B 44 6.03 -11.25 21.33
CA ASN B 44 6.65 -12.21 22.25
C ASN B 44 6.59 -13.64 21.70
N PHE B 45 7.78 -14.20 21.36
CA PHE B 45 7.89 -15.58 20.92
C PHE B 45 8.05 -16.34 22.22
N LYS B 46 6.96 -16.98 22.66
CA LYS B 46 6.86 -17.62 23.97
C LYS B 46 7.08 -19.11 23.98
N LYS B 47 7.76 -19.59 25.04
CA LYS B 47 8.05 -20.98 25.36
C LYS B 47 7.54 -21.13 26.82
N GLY B 48 6.24 -21.34 26.95
CA GLY B 48 5.56 -21.44 28.24
C GLY B 48 5.48 -20.09 28.93
N ASN B 49 6.15 -19.97 30.09
CA ASN B 49 6.22 -18.72 30.85
C ASN B 49 7.46 -17.93 30.43
N ASP B 50 8.37 -18.56 29.66
CA ASP B 50 9.58 -17.94 29.13
C ASP B 50 9.32 -17.24 27.79
N ILE B 51 10.11 -16.20 27.49
CA ILE B 51 10.00 -15.45 26.23
C ILE B 51 11.33 -15.60 25.51
N ALA B 52 11.37 -16.44 24.49
CA ALA B 52 12.58 -16.67 23.70
C ALA B 52 13.04 -15.42 22.97
N PHE B 53 12.10 -14.65 22.43
CA PHE B 53 12.42 -13.43 21.72
C PHE B 53 11.30 -12.45 21.92
N HIS B 54 11.62 -11.35 22.60
CA HIS B 54 10.75 -10.23 22.91
C HIS B 54 11.23 -9.09 22.04
N PHE B 55 10.31 -8.54 21.19
CA PHE B 55 10.62 -7.47 20.24
C PHE B 55 9.73 -6.33 20.65
N ASN B 56 10.35 -5.24 21.14
CA ASN B 56 9.56 -4.20 21.79
C ASN B 56 9.87 -2.75 21.34
N PRO B 57 9.20 -2.27 20.27
CA PRO B 57 9.30 -0.85 19.92
C PRO B 57 8.65 0.03 21.01
N ARG B 58 9.41 1.00 21.53
CA ARG B 58 8.96 1.96 22.56
C ARG B 58 8.96 3.33 21.88
N PHE B 59 7.79 3.96 21.80
CA PHE B 59 7.65 5.25 21.13
C PHE B 59 8.10 6.44 21.98
N ASN B 60 8.19 6.24 23.32
CA ASN B 60 8.55 7.32 24.23
C ASN B 60 9.28 6.82 25.47
N GLU B 61 10.54 6.43 25.29
CA GLU B 61 11.38 6.03 26.40
C GLU B 61 12.29 7.23 26.64
N ASN B 62 12.01 8.01 27.70
CA ASN B 62 12.76 9.25 28.04
C ASN B 62 12.78 10.21 26.84
N ASN B 63 11.60 10.39 26.18
CA ASN B 63 11.38 11.25 24.99
C ASN B 63 12.11 10.72 23.73
N ARG B 64 12.43 9.41 23.71
CA ARG B 64 13.15 8.80 22.57
C ARG B 64 12.43 7.56 22.04
N ARG B 65 12.56 7.29 20.72
CA ARG B 65 11.97 6.10 20.07
C ARG B 65 13.08 5.08 19.92
N VAL B 66 12.86 3.88 20.46
CA VAL B 66 13.86 2.82 20.47
C VAL B 66 13.20 1.46 20.45
N ILE B 67 13.86 0.48 19.81
CA ILE B 67 13.39 -0.90 19.80
C ILE B 67 14.26 -1.69 20.74
N VAL B 68 13.63 -2.38 21.70
CA VAL B 68 14.37 -3.17 22.67
C VAL B 68 14.06 -4.63 22.38
N CYS B 69 15.08 -5.47 22.33
CA CYS B 69 14.96 -6.91 22.15
C CYS B 69 15.63 -7.60 23.30
N ASN B 70 15.00 -8.64 23.78
CA ASN B 70 15.53 -9.37 24.92
C ASN B 70 14.90 -10.75 25.02
N THR B 71 15.38 -11.56 25.97
CA THR B 71 14.92 -12.91 26.28
C THR B 71 14.58 -12.96 27.78
N LYS B 72 13.42 -13.56 28.13
CA LYS B 72 13.01 -13.73 29.51
C LYS B 72 13.06 -15.23 29.83
N GLN B 73 13.98 -15.62 30.73
CA GLN B 73 14.15 -17.00 31.18
C GLN B 73 14.13 -17.02 32.72
N ASP B 74 13.30 -17.91 33.33
CA ASP B 74 13.15 -18.06 34.79
C ASP B 74 12.72 -16.76 35.48
N ASN B 75 11.78 -16.03 34.83
CA ASN B 75 11.23 -14.74 35.24
C ASN B 75 12.30 -13.62 35.29
N ASN B 76 13.44 -13.83 34.60
CA ASN B 76 14.54 -12.86 34.55
C ASN B 76 14.85 -12.46 33.10
N TRP B 77 14.93 -11.14 32.87
CA TRP B 77 15.29 -10.60 31.57
C TRP B 77 16.82 -10.58 31.47
N GLY B 78 17.34 -10.87 30.28
CA GLY B 78 18.77 -10.90 30.01
C GLY B 78 19.28 -9.55 29.56
N ARG B 79 20.38 -9.54 28.81
CA ARG B 79 20.96 -8.30 28.27
C ARG B 79 20.09 -7.78 27.12
N GLU B 80 19.79 -6.49 27.13
CA GLU B 80 18.99 -5.87 26.09
C GLU B 80 19.80 -5.56 24.87
N GLU B 81 19.19 -5.76 23.70
CA GLU B 81 19.78 -5.39 22.42
C GLU B 81 18.91 -4.23 21.94
N ARG B 82 19.52 -3.05 21.72
CA ARG B 82 18.78 -1.82 21.39
C ARG B 82 19.01 -1.34 19.99
N GLN B 83 17.94 -0.84 19.34
CA GLN B 83 17.99 -0.39 17.96
C GLN B 83 17.24 0.89 17.83
N SER B 84 17.96 1.98 17.45
CA SER B 84 17.30 3.28 17.27
C SER B 84 16.65 3.44 15.90
N ALA B 85 16.96 2.54 14.93
CA ALA B 85 16.23 2.55 13.64
C ALA B 85 14.79 2.19 14.01
N PHE B 86 13.86 3.07 13.69
CA PHE B 86 12.49 2.96 14.16
C PHE B 86 11.51 3.23 13.01
N PRO B 87 11.11 2.16 12.29
CA PRO B 87 10.24 2.34 11.12
C PRO B 87 8.75 2.48 11.38
N PHE B 88 8.33 2.53 12.63
CA PHE B 88 6.92 2.67 12.98
C PHE B 88 6.55 4.12 13.18
N GLU B 89 5.28 4.44 12.86
CA GLU B 89 4.70 5.78 13.00
C GLU B 89 3.25 5.65 13.46
N SER B 90 2.84 6.48 14.42
CA SER B 90 1.46 6.51 14.95
C SER B 90 0.43 6.75 13.83
N GLY B 91 -0.63 5.93 13.84
CA GLY B 91 -1.71 5.98 12.86
C GLY B 91 -1.36 5.40 11.51
N LYS B 92 -0.14 4.84 11.34
CA LYS B 92 0.32 4.33 10.05
C LYS B 92 0.33 2.80 9.94
N PRO B 93 0.00 2.25 8.74
CA PRO B 93 0.03 0.79 8.56
C PRO B 93 1.45 0.24 8.65
N PHE B 94 1.57 -1.00 9.10
CA PHE B 94 2.88 -1.62 9.19
C PHE B 94 2.79 -3.04 8.74
N LYS B 95 3.93 -3.59 8.36
CA LYS B 95 4.09 -4.98 8.05
C LYS B 95 5.38 -5.40 8.74
N ILE B 96 5.30 -6.30 9.72
CA ILE B 96 6.49 -6.84 10.39
C ILE B 96 6.69 -8.24 9.83
N GLN B 97 7.91 -8.54 9.37
CA GLN B 97 8.24 -9.89 8.93
C GLN B 97 9.38 -10.42 9.75
N VAL B 98 9.20 -11.62 10.28
CA VAL B 98 10.22 -12.28 11.09
C VAL B 98 10.63 -13.54 10.36
N LEU B 99 11.90 -13.61 9.91
CA LEU B 99 12.44 -14.81 9.30
C LEU B 99 13.27 -15.57 10.31
N VAL B 100 12.93 -16.84 10.51
CA VAL B 100 13.64 -17.70 11.44
C VAL B 100 14.80 -18.37 10.68
N GLU B 101 16.02 -18.22 11.20
CA GLU B 101 17.21 -18.87 10.65
C GLU B 101 17.75 -19.77 11.76
N ALA B 102 18.72 -20.65 11.45
CA ALA B 102 19.23 -21.59 12.47
C ALA B 102 19.90 -20.90 13.66
N ASP B 103 20.58 -19.75 13.42
CA ASP B 103 21.34 -19.00 14.42
C ASP B 103 20.66 -17.73 14.94
N HIS B 104 19.68 -17.17 14.20
CA HIS B 104 19.02 -15.94 14.59
C HIS B 104 17.63 -15.74 14.01
N PHE B 105 16.92 -14.73 14.51
CA PHE B 105 15.67 -14.22 13.93
C PHE B 105 16.12 -13.00 13.14
N LYS B 106 15.55 -12.81 11.98
CA LYS B 106 15.82 -11.66 11.13
C LYS B 106 14.51 -10.88 11.07
N VAL B 107 14.50 -9.58 11.39
CA VAL B 107 13.26 -8.80 11.38
C VAL B 107 13.33 -7.74 10.32
N ALA B 108 12.25 -7.59 9.56
CA ALA B 108 12.12 -6.55 8.54
C ALA B 108 10.80 -5.87 8.75
N VAL B 109 10.74 -4.58 8.50
CA VAL B 109 9.50 -3.81 8.65
C VAL B 109 9.28 -3.09 7.35
N ASN B 110 8.07 -3.20 6.76
CA ASN B 110 7.70 -2.59 5.48
C ASN B 110 8.74 -2.88 4.39
N ASP B 111 9.16 -4.18 4.30
CA ASP B 111 10.10 -4.75 3.33
C ASP B 111 11.56 -4.21 3.46
N VAL B 112 11.88 -3.58 4.59
CA VAL B 112 13.22 -3.06 4.86
C VAL B 112 13.82 -3.76 6.06
N HIS B 113 15.04 -4.33 5.91
CA HIS B 113 15.73 -5.03 7.01
C HIS B 113 15.86 -4.10 8.21
N LEU B 114 15.49 -4.62 9.39
CA LEU B 114 15.54 -3.84 10.61
C LEU B 114 16.61 -4.32 11.57
N LEU B 115 16.59 -5.60 11.94
CA LEU B 115 17.55 -6.13 12.89
C LEU B 115 17.66 -7.62 12.87
N GLN B 116 18.67 -8.15 13.56
CA GLN B 116 18.90 -9.57 13.74
C GLN B 116 18.97 -9.84 15.22
N TYR B 117 18.44 -10.98 15.67
CA TYR B 117 18.47 -11.35 17.08
C TYR B 117 18.92 -12.77 17.20
N ASN B 118 20.16 -13.00 17.68
CA ASN B 118 20.68 -14.35 17.84
C ASN B 118 19.92 -15.14 18.88
N HIS B 119 19.65 -16.43 18.57
CA HIS B 119 18.88 -17.29 19.47
C HIS B 119 19.68 -17.51 20.76
N ARG B 120 19.00 -17.28 21.88
CA ARG B 120 19.56 -17.51 23.21
C ARG B 120 18.95 -18.83 23.70
N MET B 121 17.65 -19.00 23.48
CA MET B 121 16.92 -20.23 23.78
C MET B 121 16.94 -21.03 22.46
N LYS B 122 17.79 -22.05 22.40
CA LYS B 122 18.05 -22.88 21.23
C LYS B 122 16.95 -23.90 20.86
N ASN B 123 16.07 -24.31 21.80
CA ASN B 123 15.02 -25.27 21.48
C ASN B 123 13.85 -24.59 20.77
N LEU B 124 14.05 -24.29 19.48
CA LEU B 124 13.11 -23.58 18.62
C LEU B 124 11.73 -24.24 18.51
N ARG B 125 11.62 -25.59 18.62
CA ARG B 125 10.32 -26.30 18.55
C ARG B 125 9.39 -26.00 19.71
N GLU B 126 9.95 -25.51 20.81
CA GLU B 126 9.24 -25.22 22.04
C GLU B 126 8.56 -23.83 22.05
N ILE B 127 8.83 -23.00 21.04
CA ILE B 127 8.21 -21.68 20.92
C ILE B 127 6.82 -21.91 20.31
N SER B 128 5.82 -22.20 21.17
CA SER B 128 4.47 -22.59 20.79
C SER B 128 3.50 -21.45 20.50
N GLN B 129 3.83 -20.22 20.90
CA GLN B 129 2.92 -19.11 20.62
C GLN B 129 3.69 -17.85 20.27
N LEU B 130 3.02 -17.00 19.50
CA LEU B 130 3.54 -15.68 19.27
C LEU B 130 2.47 -14.75 19.81
N GLY B 131 2.82 -13.98 20.83
CA GLY B 131 1.94 -12.97 21.42
C GLY B 131 2.16 -11.65 20.76
N ILE B 132 1.08 -10.99 20.33
CA ILE B 132 1.15 -9.70 19.64
C ILE B 132 0.33 -8.72 20.44
N ILE B 133 0.98 -7.69 21.00
CA ILE B 133 0.30 -6.79 21.94
C ILE B 133 0.70 -5.34 21.72
N GLY B 134 -0.02 -4.46 22.38
CA GLY B 134 0.32 -3.04 22.30
C GLY B 134 -0.68 -2.19 21.58
N ASP B 135 -0.21 -0.99 21.20
CA ASP B 135 -1.01 0.07 20.63
C ASP B 135 -1.11 -0.04 19.11
N ILE B 136 -1.77 -1.13 18.68
CA ILE B 136 -1.96 -1.46 17.28
C ILE B 136 -3.35 -2.02 17.04
N THR B 137 -3.77 -2.04 15.78
CA THR B 137 -4.96 -2.76 15.33
C THR B 137 -4.32 -3.85 14.45
N LEU B 138 -4.85 -5.05 14.46
CA LEU B 138 -4.26 -6.15 13.72
C LEU B 138 -5.14 -6.58 12.58
N THR B 139 -4.57 -6.64 11.36
CA THR B 139 -5.26 -7.08 10.15
C THR B 139 -5.05 -8.58 9.94
N SER B 140 -3.78 -9.03 9.99
N SER B 140 -3.78 -9.04 10.01
CA SER B 140 -3.40 -10.41 9.74
CA SER B 140 -3.44 -10.44 9.81
C SER B 140 -2.13 -10.85 10.47
C SER B 140 -2.16 -10.85 10.51
N ALA B 141 -2.05 -12.15 10.79
CA ALA B 141 -0.91 -12.77 11.45
C ALA B 141 -0.81 -14.17 10.84
N SER B 142 0.24 -14.40 10.05
CA SER B 142 0.38 -15.68 9.37
C SER B 142 1.83 -16.13 9.31
N HIS B 143 2.03 -17.41 9.00
CA HIS B 143 3.35 -17.99 8.83
C HIS B 143 3.37 -18.88 7.61
N ALA B 144 4.54 -18.97 7.00
CA ALA B 144 4.79 -19.77 5.80
C ALA B 144 6.25 -20.18 5.75
N MET B 145 6.53 -21.28 5.05
CA MET B 145 7.88 -21.81 4.87
C MET B 145 8.37 -21.29 3.54
N ILE B 146 9.49 -20.58 3.55
CA ILE B 146 10.06 -19.95 2.35
C ILE B 146 11.52 -20.40 2.08
N PRO C 9 -18.53 -10.98 6.89
CA PRO C 9 -19.62 -10.81 7.89
C PRO C 9 -20.95 -10.46 7.22
N LEU C 10 -21.05 -9.24 6.63
CA LEU C 10 -22.24 -8.80 5.88
C LEU C 10 -21.91 -8.97 4.41
N THR C 11 -22.91 -9.33 3.58
CA THR C 11 -22.66 -9.55 2.15
C THR C 11 -23.00 -8.35 1.27
N VAL C 12 -22.22 -8.19 0.20
CA VAL C 12 -22.42 -7.17 -0.83
C VAL C 12 -23.06 -7.87 -2.04
N PRO C 13 -23.95 -7.24 -2.82
CA PRO C 13 -24.50 -5.88 -2.68
C PRO C 13 -25.29 -5.74 -1.39
N TYR C 14 -25.12 -4.59 -0.71
CA TYR C 14 -25.82 -4.34 0.55
C TYR C 14 -26.72 -3.13 0.37
N ASP C 15 -27.98 -3.26 0.79
CA ASP C 15 -29.00 -2.23 0.70
C ASP C 15 -29.23 -1.66 2.09
N MET C 16 -29.07 -0.36 2.20
CA MET C 16 -29.29 0.30 3.48
C MET C 16 -30.40 1.30 3.27
N PRO C 17 -31.60 1.13 3.88
CA PRO C 17 -32.61 2.18 3.74
C PRO C 17 -32.19 3.42 4.54
N LEU C 18 -32.59 4.61 4.09
CA LEU C 18 -32.25 5.88 4.70
C LEU C 18 -33.57 6.50 5.10
N PRO C 19 -33.95 6.32 6.40
CA PRO C 19 -35.28 6.75 6.87
C PRO C 19 -35.55 8.24 6.73
N GLY C 20 -36.50 8.58 5.86
CA GLY C 20 -36.84 9.95 5.51
C GLY C 20 -35.74 10.59 4.67
N GLY C 21 -35.02 9.74 3.94
CA GLY C 21 -33.95 10.14 3.05
C GLY C 21 -32.70 10.60 3.76
N VAL C 22 -31.98 11.49 3.14
CA VAL C 22 -30.78 12.03 3.78
C VAL C 22 -31.11 13.44 4.19
N MET C 23 -30.39 13.94 5.18
CA MET C 23 -30.62 15.30 5.65
C MET C 23 -29.33 15.83 6.25
N PRO C 24 -29.14 17.17 6.31
CA PRO C 24 -27.92 17.70 6.94
C PRO C 24 -27.71 17.11 8.33
N ARG C 25 -26.45 16.78 8.63
CA ARG C 25 -25.95 16.21 9.89
C ARG C 25 -26.04 14.68 9.93
N MET C 26 -26.52 14.04 8.86
CA MET C 26 -26.55 12.58 8.83
C MET C 26 -25.17 12.08 8.45
N LEU C 27 -24.63 11.18 9.26
CA LEU C 27 -23.34 10.55 9.01
C LEU C 27 -23.55 9.05 8.74
N ILE C 28 -23.07 8.57 7.58
CA ILE C 28 -23.13 7.15 7.20
C ILE C 28 -21.74 6.60 7.33
N THR C 29 -21.58 5.49 8.09
CA THR C 29 -20.30 4.86 8.33
C THR C 29 -20.32 3.43 7.82
N ILE C 30 -19.42 3.17 6.84
CA ILE C 30 -19.29 1.85 6.23
CA ILE C 30 -19.29 1.85 6.23
C ILE C 30 -17.91 1.32 6.59
N ILE C 31 -17.85 0.19 7.27
CA ILE C 31 -16.60 -0.42 7.69
C ILE C 31 -16.49 -1.79 7.07
N GLY C 32 -15.33 -2.06 6.50
CA GLY C 32 -15.06 -3.37 5.92
C GLY C 32 -13.61 -3.55 5.56
N THR C 33 -13.37 -4.45 4.63
CA THR C 33 -12.01 -4.75 4.16
C THR C 33 -12.06 -4.86 2.64
N VAL C 34 -11.06 -4.28 1.97
CA VAL C 34 -10.98 -4.35 0.52
C VAL C 34 -10.50 -5.76 0.21
N LYS C 35 -11.18 -6.46 -0.71
CA LYS C 35 -10.84 -7.84 -1.10
C LYS C 35 -9.44 -7.86 -1.73
N PRO C 36 -8.68 -8.99 -1.65
CA PRO C 36 -7.39 -9.03 -2.34
C PRO C 36 -7.62 -8.88 -3.85
N ASN C 37 -6.80 -8.07 -4.54
CA ASN C 37 -6.93 -7.85 -5.99
C ASN C 37 -8.29 -7.25 -6.39
N ALA C 38 -8.70 -6.22 -5.65
CA ALA C 38 -9.95 -5.50 -5.91
C ALA C 38 -9.89 -4.74 -7.19
N ASN C 39 -11.03 -4.58 -7.85
CA ASN C 39 -11.13 -3.82 -9.09
C ASN C 39 -11.87 -2.52 -8.85
N SER C 40 -12.97 -2.57 -8.08
CA SER C 40 -13.74 -1.37 -7.82
C SER C 40 -14.64 -1.50 -6.60
N ILE C 41 -15.11 -0.35 -6.12
CA ILE C 41 -16.04 -0.24 -5.00
C ILE C 41 -17.07 0.78 -5.44
N THR C 42 -18.32 0.62 -5.00
CA THR C 42 -19.31 1.64 -5.37
C THR C 42 -20.27 1.88 -4.20
N LEU C 43 -20.57 3.16 -3.93
CA LEU C 43 -21.62 3.54 -3.00
C LEU C 43 -22.59 4.30 -3.89
N ASN C 44 -23.86 3.89 -3.91
CA ASN C 44 -24.93 4.56 -4.68
C ASN C 44 -26.03 5.08 -3.76
N PHE C 45 -26.14 6.40 -3.66
CA PHE C 45 -27.22 7.06 -2.92
C PHE C 45 -28.33 7.21 -3.92
N LYS C 46 -29.37 6.38 -3.79
CA LYS C 46 -30.43 6.24 -4.78
C LYS C 46 -31.75 6.93 -4.45
N LYS C 47 -32.39 7.47 -5.51
CA LYS C 47 -33.71 8.09 -5.48
C LYS C 47 -34.49 7.33 -6.58
N GLY C 48 -35.05 6.18 -6.22
CA GLY C 48 -35.75 5.30 -7.16
C GLY C 48 -34.78 4.59 -8.09
N ASN C 49 -34.88 4.86 -9.40
CA ASN C 49 -33.95 4.28 -10.40
C ASN C 49 -32.80 5.26 -10.66
N ASP C 50 -32.90 6.47 -10.08
CA ASP C 50 -31.87 7.50 -10.22
C ASP C 50 -30.81 7.34 -9.14
N ILE C 51 -29.58 7.77 -9.42
CA ILE C 51 -28.47 7.74 -8.44
C ILE C 51 -28.05 9.18 -8.18
N ALA C 52 -28.47 9.72 -7.03
CA ALA C 52 -28.12 11.09 -6.64
C ALA C 52 -26.63 11.26 -6.46
N PHE C 53 -25.94 10.27 -5.89
CA PHE C 53 -24.51 10.36 -5.66
C PHE C 53 -23.94 8.97 -5.78
N HIS C 54 -23.09 8.79 -6.79
CA HIS C 54 -22.39 7.55 -7.11
C HIS C 54 -20.93 7.84 -6.77
N PHE C 55 -20.34 7.04 -5.87
CA PHE C 55 -18.98 7.19 -5.37
C PHE C 55 -18.30 5.94 -5.76
N ASN C 56 -17.34 6.06 -6.72
CA ASN C 56 -16.76 4.88 -7.33
C ASN C 56 -15.22 4.84 -7.41
N PRO C 57 -14.56 4.30 -6.35
CA PRO C 57 -13.12 4.01 -6.45
C PRO C 57 -12.85 2.91 -7.48
N ARG C 58 -11.94 3.19 -8.42
CA ARG C 58 -11.52 2.25 -9.47
C ARG C 58 -10.04 1.96 -9.25
N PHE C 59 -9.71 0.70 -8.97
CA PHE C 59 -8.32 0.30 -8.66
C PHE C 59 -7.43 0.12 -9.90
N ASN C 60 -8.06 -0.05 -11.07
CA ASN C 60 -7.32 -0.30 -12.30
C ASN C 60 -8.05 0.25 -13.52
N GLU C 61 -8.02 1.57 -13.66
CA GLU C 61 -8.60 2.20 -14.84
C GLU C 61 -7.37 2.61 -15.64
N ASN C 62 -7.07 1.87 -16.73
CA ASN C 62 -5.86 2.11 -17.56
C ASN C 62 -4.57 2.08 -16.70
N ASN C 63 -4.49 1.08 -15.80
CA ASN C 63 -3.38 0.85 -14.86
C ASN C 63 -3.22 1.96 -13.81
N ARG C 64 -4.29 2.75 -13.59
CA ARG C 64 -4.28 3.85 -12.62
C ARG C 64 -5.44 3.71 -11.61
N ARG C 65 -5.23 4.27 -10.43
CA ARG C 65 -6.20 4.26 -9.34
C ARG C 65 -6.83 5.65 -9.28
N VAL C 66 -8.16 5.71 -9.34
CA VAL C 66 -8.92 6.95 -9.43
C VAL C 66 -10.28 6.78 -8.78
N ILE C 67 -10.82 7.86 -8.21
CA ILE C 67 -12.17 7.84 -7.65
C ILE C 67 -13.04 8.65 -8.58
N VAL C 68 -14.11 8.04 -9.08
CA VAL C 68 -15.03 8.76 -9.96
C VAL C 68 -16.34 8.98 -9.20
N CYS C 69 -16.84 10.23 -9.22
CA CYS C 69 -18.10 10.60 -8.62
C CYS C 69 -19.02 11.14 -9.69
N ASN C 70 -20.29 10.76 -9.65
CA ASN C 70 -21.25 11.21 -10.67
C ASN C 70 -22.68 11.04 -10.18
N THR C 71 -23.64 11.53 -10.98
CA THR C 71 -25.08 11.46 -10.73
C THR C 71 -25.73 10.83 -11.97
N LYS C 72 -26.65 9.85 -11.77
CA LYS C 72 -27.41 9.23 -12.85
C LYS C 72 -28.86 9.68 -12.72
N GLN C 73 -29.35 10.45 -13.70
CA GLN C 73 -30.72 10.97 -13.75
C GLN C 73 -31.31 10.66 -15.12
N ASP C 74 -32.51 10.03 -15.16
CA ASP C 74 -33.23 9.65 -16.38
C ASP C 74 -32.39 8.71 -17.28
N ASN C 75 -31.68 7.76 -16.63
CA ASN C 75 -30.79 6.77 -17.24
C ASN C 75 -29.56 7.41 -17.93
N ASN C 76 -29.26 8.68 -17.58
CA ASN C 76 -28.13 9.41 -18.12
C ASN C 76 -27.15 9.83 -17.01
N TRP C 77 -25.87 9.53 -17.21
CA TRP C 77 -24.81 9.95 -16.29
C TRP C 77 -24.42 11.38 -16.67
N GLY C 78 -24.12 12.19 -15.67
CA GLY C 78 -23.71 13.58 -15.84
C GLY C 78 -22.21 13.73 -15.98
N ARG C 79 -21.69 14.90 -15.60
CA ARG C 79 -20.25 15.17 -15.64
C ARG C 79 -19.57 14.42 -14.51
N GLU C 80 -18.47 13.74 -14.80
CA GLU C 80 -17.72 13.01 -13.78
C GLU C 80 -16.82 13.95 -13.01
N GLU C 81 -16.72 13.71 -11.69
CA GLU C 81 -15.80 14.43 -10.82
C GLU C 81 -14.75 13.39 -10.46
N ARG C 82 -13.49 13.63 -10.85
CA ARG C 82 -12.39 12.67 -10.69
C ARG C 82 -11.39 13.08 -9.64
N GLN C 83 -10.96 12.12 -8.81
CA GLN C 83 -10.08 12.37 -7.69
C GLN C 83 -8.99 11.32 -7.68
N SER C 84 -7.72 11.73 -7.82
CA SER C 84 -6.59 10.80 -7.78
C SER C 84 -6.16 10.42 -6.37
N ALA C 85 -6.59 11.19 -5.32
CA ALA C 85 -6.35 10.80 -3.93
C ALA C 85 -7.12 9.50 -3.74
N PHE C 86 -6.43 8.45 -3.34
CA PHE C 86 -6.96 7.10 -3.31
C PHE C 86 -6.49 6.38 -2.05
N PRO C 87 -7.31 6.47 -0.98
CA PRO C 87 -6.90 5.90 0.31
C PRO C 87 -7.14 4.41 0.52
N PHE C 88 -7.64 3.70 -0.50
CA PHE C 88 -7.91 2.28 -0.38
C PHE C 88 -6.73 1.44 -0.84
N GLU C 89 -6.59 0.24 -0.25
CA GLU C 89 -5.55 -0.73 -0.59
C GLU C 89 -6.13 -2.14 -0.52
N SER C 90 -5.82 -3.01 -1.52
CA SER C 90 -6.30 -4.40 -1.57
C SER C 90 -5.90 -5.19 -0.33
N GLY C 91 -6.85 -5.92 0.24
CA GLY C 91 -6.67 -6.72 1.45
C GLY C 91 -6.60 -5.91 2.74
N LYS C 92 -6.79 -4.57 2.65
CA LYS C 92 -6.69 -3.69 3.81
C LYS C 92 -8.02 -3.18 4.34
N PRO C 93 -8.17 -3.04 5.68
CA PRO C 93 -9.42 -2.52 6.24
C PRO C 93 -9.67 -1.07 5.84
N PHE C 94 -10.93 -0.70 5.68
CA PHE C 94 -11.28 0.68 5.37
C PHE C 94 -12.46 1.10 6.21
N LYS C 95 -12.62 2.41 6.31
CA LYS C 95 -13.78 3.03 6.93
C LYS C 95 -14.15 4.16 6.02
N ILE C 96 -15.35 4.09 5.36
CA ILE C 96 -15.84 5.20 4.53
C ILE C 96 -16.89 5.91 5.35
N GLN C 97 -16.79 7.25 5.46
CA GLN C 97 -17.79 8.03 6.17
C GLN C 97 -18.32 9.07 5.25
N VAL C 98 -19.63 9.15 5.15
CA VAL C 98 -20.29 10.15 4.31
C VAL C 98 -21.11 11.05 5.22
N LEU C 99 -20.75 12.36 5.26
CA LEU C 99 -21.51 13.34 6.02
C LEU C 99 -22.37 14.15 5.08
N VAL C 100 -23.67 14.18 5.34
CA VAL C 100 -24.60 14.93 4.52
C VAL C 100 -24.66 16.36 5.06
N GLU C 101 -24.46 17.35 4.18
CA GLU C 101 -24.57 18.77 4.52
C GLU C 101 -25.64 19.34 3.59
N ALA C 102 -26.11 20.57 3.84
CA ALA C 102 -27.18 21.15 3.03
C ALA C 102 -26.82 21.32 1.54
N ASP C 103 -25.55 21.64 1.26
CA ASP C 103 -25.06 21.91 -0.09
C ASP C 103 -24.28 20.75 -0.75
N HIS C 104 -23.74 19.82 0.06
CA HIS C 104 -22.92 18.74 -0.48
C HIS C 104 -22.85 17.51 0.42
N PHE C 105 -22.27 16.44 -0.11
CA PHE C 105 -21.88 15.26 0.66
C PHE C 105 -20.39 15.47 0.92
N LYS C 106 -19.90 15.09 2.10
CA LYS C 106 -18.48 15.19 2.41
C LYS C 106 -18.10 13.74 2.65
N VAL C 107 -17.02 13.28 2.02
CA VAL C 107 -16.58 11.89 2.21
C VAL C 107 -15.23 11.88 2.86
N ALA C 108 -15.05 11.00 3.84
CA ALA C 108 -13.78 10.80 4.53
C ALA C 108 -13.51 9.32 4.54
N VAL C 109 -12.24 8.96 4.45
CA VAL C 109 -11.86 7.56 4.48
C VAL C 109 -10.79 7.44 5.57
N ASN C 110 -10.95 6.48 6.49
CA ASN C 110 -10.03 6.25 7.61
C ASN C 110 -9.74 7.53 8.40
N ASP C 111 -10.83 8.31 8.69
CA ASP C 111 -10.85 9.56 9.47
C ASP C 111 -10.16 10.75 8.77
N VAL C 112 -9.82 10.61 7.49
CA VAL C 112 -9.15 11.64 6.69
C VAL C 112 -10.07 12.12 5.58
N HIS C 113 -10.30 13.46 5.50
CA HIS C 113 -11.14 14.05 4.46
C HIS C 113 -10.67 13.66 3.08
N LEU C 114 -11.60 13.22 2.24
CA LEU C 114 -11.28 12.77 0.90
C LEU C 114 -11.82 13.70 -0.18
N LEU C 115 -13.12 13.99 -0.15
CA LEU C 115 -13.73 14.84 -1.17
C LEU C 115 -15.06 15.36 -0.76
N GLN C 116 -15.59 16.30 -1.55
CA GLN C 116 -16.89 16.90 -1.40
C GLN C 116 -17.62 16.75 -2.70
N TYR C 117 -18.92 16.47 -2.65
CA TYR C 117 -19.72 16.33 -3.86
C TYR C 117 -20.96 17.15 -3.71
N ASN C 118 -21.05 18.26 -4.48
CA ASN C 118 -22.24 19.13 -4.39
C ASN C 118 -23.48 18.46 -4.88
N HIS C 119 -24.59 18.67 -4.18
CA HIS C 119 -25.88 18.07 -4.52
C HIS C 119 -26.33 18.55 -5.88
N ARG C 120 -26.66 17.59 -6.76
CA ARG C 120 -27.20 17.87 -8.10
C ARG C 120 -28.68 17.59 -8.00
N MET C 121 -29.04 16.48 -7.32
CA MET C 121 -30.44 16.15 -7.02
C MET C 121 -30.71 16.73 -5.62
N LYS C 122 -31.42 17.88 -5.60
CA LYS C 122 -31.68 18.69 -4.40
C LYS C 122 -32.75 18.16 -3.45
N ASN C 123 -33.68 17.28 -3.91
CA ASN C 123 -34.66 16.80 -2.94
C ASN C 123 -34.10 15.63 -2.12
N LEU C 124 -33.32 15.99 -1.10
CA LEU C 124 -32.61 15.08 -0.18
C LEU C 124 -33.52 14.07 0.53
N ARG C 125 -34.79 14.42 0.82
CA ARG C 125 -35.77 13.55 1.47
C ARG C 125 -36.06 12.29 0.63
N GLU C 126 -36.00 12.42 -0.71
CA GLU C 126 -36.26 11.38 -1.70
C GLU C 126 -35.07 10.38 -1.92
N ILE C 127 -33.85 10.76 -1.48
CA ILE C 127 -32.65 9.89 -1.61
C ILE C 127 -32.82 8.93 -0.42
N SER C 128 -33.66 7.89 -0.62
N SER C 128 -33.64 7.88 -0.63
CA SER C 128 -34.10 6.95 0.42
CA SER C 128 -34.14 6.94 0.37
C SER C 128 -33.36 5.63 0.52
C SER C 128 -33.39 5.61 0.48
N GLN C 129 -32.39 5.34 -0.38
CA GLN C 129 -31.67 4.06 -0.31
C GLN C 129 -30.18 4.25 -0.55
N LEU C 130 -29.33 3.41 0.11
CA LEU C 130 -27.90 3.40 -0.16
C LEU C 130 -27.54 1.99 -0.59
N GLY C 131 -26.95 1.87 -1.77
CA GLY C 131 -26.45 0.59 -2.26
C GLY C 131 -24.94 0.55 -2.09
N ILE C 132 -24.41 -0.53 -1.49
CA ILE C 132 -22.96 -0.68 -1.26
C ILE C 132 -22.54 -1.94 -2.04
N ILE C 133 -21.66 -1.76 -3.05
CA ILE C 133 -21.30 -2.88 -3.91
C ILE C 133 -19.80 -2.90 -4.20
N GLY C 134 -19.34 -4.00 -4.76
CA GLY C 134 -17.96 -4.10 -5.19
C GLY C 134 -17.14 -5.13 -4.46
N ASP C 135 -15.82 -4.98 -4.59
CA ASP C 135 -14.80 -5.93 -4.12
C ASP C 135 -14.35 -5.65 -2.71
N ILE C 136 -15.32 -5.84 -1.79
CA ILE C 136 -15.14 -5.63 -0.36
C ILE C 136 -15.84 -6.69 0.44
N THR C 137 -15.44 -6.82 1.70
CA THR C 137 -16.15 -7.61 2.70
C THR C 137 -16.68 -6.52 3.61
N LEU C 138 -17.88 -6.67 4.12
CA LEU C 138 -18.49 -5.66 4.94
C LEU C 138 -18.62 -6.10 6.39
N THR C 139 -18.08 -5.30 7.32
CA THR C 139 -18.13 -5.52 8.77
C THR C 139 -19.38 -4.84 9.35
N SER C 140 -19.63 -3.56 8.99
CA SER C 140 -20.80 -2.84 9.48
C SER C 140 -21.20 -1.72 8.54
N ALA C 141 -22.46 -1.33 8.60
CA ALA C 141 -23.02 -0.25 7.79
C ALA C 141 -24.06 0.42 8.71
N SER C 142 -23.81 1.68 9.07
CA SER C 142 -24.72 2.37 9.99
C SER C 142 -24.85 3.84 9.65
N HIS C 143 -25.84 4.48 10.26
CA HIS C 143 -26.05 5.91 10.12
C HIS C 143 -26.41 6.47 11.49
N ALA C 144 -26.11 7.74 11.68
CA ALA C 144 -26.39 8.48 12.91
C ALA C 144 -26.48 9.96 12.59
N MET C 145 -27.17 10.70 13.46
CA MET C 145 -27.31 12.16 13.36
C MET C 145 -26.28 12.74 14.28
N ILE C 146 -25.38 13.58 13.75
CA ILE C 146 -24.26 14.15 14.51
C ILE C 146 -24.23 15.68 14.43
N THR D 11 4.59 -35.30 -9.83
CA THR D 11 4.71 -35.35 -11.29
C THR D 11 4.21 -34.07 -11.99
N VAL D 12 4.58 -33.95 -13.28
CA VAL D 12 4.29 -32.81 -14.13
C VAL D 12 3.63 -33.26 -15.45
N PRO D 13 2.79 -32.47 -16.14
CA PRO D 13 2.37 -31.09 -15.85
C PRO D 13 1.68 -30.96 -14.49
N TYR D 14 1.91 -29.81 -13.80
CA TYR D 14 1.33 -29.49 -12.51
C TYR D 14 0.46 -28.24 -12.67
N ASP D 15 -0.83 -28.37 -12.29
CA ASP D 15 -1.79 -27.28 -12.36
C ASP D 15 -1.96 -26.72 -10.96
N MET D 16 -1.67 -25.43 -10.79
CA MET D 16 -1.83 -24.75 -9.50
C MET D 16 -2.81 -23.61 -9.65
N PRO D 17 -4.02 -23.73 -9.08
CA PRO D 17 -4.96 -22.61 -9.15
C PRO D 17 -4.44 -21.46 -8.26
N LEU D 18 -4.70 -20.22 -8.68
CA LEU D 18 -4.29 -19.00 -7.96
C LEU D 18 -5.59 -18.23 -7.70
N PRO D 19 -6.42 -18.63 -6.69
CA PRO D 19 -7.71 -17.93 -6.47
C PRO D 19 -7.54 -16.45 -6.16
N GLY D 20 -8.21 -15.67 -6.99
CA GLY D 20 -8.18 -14.21 -6.95
C GLY D 20 -7.01 -13.63 -7.71
N GLY D 21 -6.28 -14.49 -8.43
CA GLY D 21 -5.14 -14.10 -9.24
C GLY D 21 -3.87 -13.84 -8.48
N VAL D 22 -2.89 -13.24 -9.15
CA VAL D 22 -1.62 -12.88 -8.54
C VAL D 22 -1.73 -11.44 -8.02
N MET D 23 -1.03 -11.11 -6.94
CA MET D 23 -1.06 -9.75 -6.38
C MET D 23 0.25 -9.46 -5.66
N PRO D 24 0.64 -8.18 -5.46
CA PRO D 24 1.89 -7.90 -4.72
C PRO D 24 1.93 -8.65 -3.38
N ARG D 25 3.12 -9.18 -3.00
CA ARG D 25 3.40 -9.95 -1.77
C ARG D 25 3.13 -11.43 -1.94
N MET D 26 2.60 -11.86 -3.12
CA MET D 26 2.37 -13.28 -3.33
C MET D 26 3.67 -13.92 -3.71
N LEU D 27 4.06 -14.94 -2.95
CA LEU D 27 5.24 -15.72 -3.18
C LEU D 27 4.83 -17.13 -3.56
N ILE D 28 5.30 -17.59 -4.75
CA ILE D 28 5.08 -18.94 -5.26
C ILE D 28 6.39 -19.67 -5.14
N THR D 29 6.37 -20.83 -4.46
CA THR D 29 7.57 -21.64 -4.25
C THR D 29 7.38 -22.98 -4.91
N ILE D 30 8.29 -23.29 -5.86
CA ILE D 30 8.27 -24.56 -6.58
C ILE D 30 9.57 -25.29 -6.29
N ILE D 31 9.46 -26.47 -5.69
CA ILE D 31 10.62 -27.29 -5.33
C ILE D 31 10.56 -28.59 -6.08
N GLY D 32 11.67 -28.98 -6.69
CA GLY D 32 11.74 -30.23 -7.42
C GLY D 32 13.16 -30.59 -7.80
N THR D 33 13.27 -31.45 -8.79
CA THR D 33 14.57 -31.89 -9.31
C THR D 33 14.52 -31.87 -10.83
N VAL D 34 15.59 -31.39 -11.47
CA VAL D 34 15.67 -31.37 -12.93
C VAL D 34 15.95 -32.83 -13.35
N LYS D 35 15.20 -33.33 -14.34
CA LYS D 35 15.37 -34.68 -14.87
C LYS D 35 16.74 -34.84 -15.53
N PRO D 36 17.32 -36.07 -15.59
CA PRO D 36 18.61 -36.23 -16.27
C PRO D 36 18.45 -35.89 -17.74
N ASN D 37 19.44 -35.15 -18.30
CA ASN D 37 19.50 -34.74 -19.71
C ASN D 37 18.25 -33.96 -20.15
N ALA D 38 17.86 -32.99 -19.31
CA ALA D 38 16.70 -32.12 -19.51
C ALA D 38 16.87 -31.25 -20.75
N ASN D 39 15.75 -30.91 -21.39
CA ASN D 39 15.72 -30.04 -22.55
C ASN D 39 15.13 -28.68 -22.19
N SER D 40 14.03 -28.67 -21.41
CA SER D 40 13.41 -27.41 -21.02
C SER D 40 12.49 -27.53 -19.81
N ILE D 41 12.17 -26.38 -19.23
CA ILE D 41 11.25 -26.23 -18.09
C ILE D 41 10.35 -25.08 -18.43
N THR D 42 9.10 -25.11 -18.01
CA THR D 42 8.22 -23.97 -18.27
C THR D 42 7.30 -23.70 -17.09
N LEU D 43 7.14 -22.41 -16.74
CA LEU D 43 6.14 -22.00 -15.75
C LEU D 43 5.28 -21.05 -16.57
N ASN D 44 3.97 -21.30 -16.63
CA ASN D 44 3.01 -20.45 -17.34
C ASN D 44 1.98 -19.85 -16.36
N PHE D 45 2.06 -18.52 -16.13
CA PHE D 45 1.10 -17.79 -15.33
C PHE D 45 0.01 -17.41 -16.33
N LYS D 46 -1.11 -18.13 -16.29
CA LYS D 46 -2.18 -18.05 -17.26
C LYS D 46 -3.39 -17.22 -16.88
N LYS D 47 -3.96 -16.54 -17.89
CA LYS D 47 -5.16 -15.71 -17.77
C LYS D 47 -6.10 -16.20 -18.88
N GLY D 48 -6.77 -17.31 -18.61
CA GLY D 48 -7.63 -17.99 -19.58
C GLY D 48 -6.78 -18.72 -20.60
N ASN D 49 -6.81 -18.23 -21.86
CA ASN D 49 -6.05 -18.76 -23.01
C ASN D 49 -4.68 -18.06 -23.11
N ASP D 50 -4.58 -16.88 -22.48
CA ASP D 50 -3.40 -16.03 -22.51
C ASP D 50 -2.38 -16.50 -21.47
N ILE D 51 -1.10 -16.12 -21.68
CA ILE D 51 -0.03 -16.43 -20.75
C ILE D 51 0.60 -15.10 -20.36
N ALA D 52 0.28 -14.59 -19.18
CA ALA D 52 0.81 -13.31 -18.68
C ALA D 52 2.31 -13.35 -18.50
N PHE D 53 2.82 -14.48 -18.00
CA PHE D 53 4.25 -14.62 -17.79
C PHE D 53 4.62 -16.08 -18.03
N HIS D 54 5.42 -16.28 -19.06
CA HIS D 54 5.92 -17.58 -19.50
C HIS D 54 7.38 -17.52 -19.16
N PHE D 55 7.87 -18.45 -18.32
CA PHE D 55 9.24 -18.51 -17.83
C PHE D 55 9.76 -19.81 -18.35
N ASN D 56 10.71 -19.76 -19.27
CA ASN D 56 11.15 -20.93 -19.99
C ASN D 56 12.67 -21.15 -20.08
N PRO D 57 13.26 -21.85 -19.07
CA PRO D 57 14.66 -22.29 -19.21
C PRO D 57 14.80 -23.33 -20.32
N ARG D 58 15.74 -23.10 -21.26
CA ARG D 58 16.05 -23.98 -22.39
C ARG D 58 17.48 -24.45 -22.20
N PHE D 59 17.68 -25.76 -22.06
CA PHE D 59 19.01 -26.32 -21.78
C PHE D 59 19.88 -26.47 -23.01
N ASN D 60 19.28 -26.45 -24.21
CA ASN D 60 20.03 -26.64 -25.45
C ASN D 60 19.37 -25.91 -26.62
N GLU D 61 19.42 -24.57 -26.60
CA GLU D 61 18.90 -23.81 -27.72
C GLU D 61 20.12 -23.36 -28.50
N ASN D 62 20.33 -23.96 -29.69
CA ASN D 62 21.51 -23.70 -30.51
C ASN D 62 22.81 -23.91 -29.70
N ASN D 63 22.88 -25.03 -28.95
CA ASN D 63 24.02 -25.45 -28.13
C ASN D 63 24.30 -24.54 -26.92
N ARG D 64 23.36 -23.69 -26.54
CA ARG D 64 23.53 -22.79 -25.38
C ARG D 64 22.37 -22.98 -24.41
N ARG D 65 22.61 -22.61 -23.14
CA ARG D 65 21.60 -22.64 -22.07
C ARG D 65 21.13 -21.22 -21.91
N VAL D 66 19.81 -21.01 -21.99
CA VAL D 66 19.21 -19.68 -21.94
C VAL D 66 17.82 -19.75 -21.30
N ILE D 67 17.41 -18.67 -20.64
CA ILE D 67 16.06 -18.57 -20.09
C ILE D 67 15.30 -17.57 -20.93
N VAL D 68 14.15 -17.98 -21.47
CA VAL D 68 13.34 -17.11 -22.30
C VAL D 68 12.10 -16.79 -21.55
N CYS D 69 11.78 -15.50 -21.46
CA CYS D 69 10.54 -15.08 -20.84
C CYS D 69 9.76 -14.34 -21.86
N ASN D 70 8.45 -14.51 -21.83
CA ASN D 70 7.60 -13.82 -22.79
C ASN D 70 6.17 -13.82 -22.28
N THR D 71 5.29 -13.14 -23.02
CA THR D 71 3.87 -13.01 -22.75
C THR D 71 3.10 -13.43 -24.03
N LYS D 72 2.06 -14.26 -23.90
CA LYS D 72 1.21 -14.68 -25.02
C LYS D 72 -0.16 -14.07 -24.80
N GLN D 73 -0.55 -13.11 -25.65
CA GLN D 73 -1.84 -12.45 -25.50
C GLN D 73 -2.57 -12.39 -26.82
N ASP D 74 -3.81 -12.93 -26.85
CA ASP D 74 -4.70 -13.07 -28.02
C ASP D 74 -4.06 -13.97 -29.10
N ASN D 75 -3.37 -15.05 -28.65
CA ASN D 75 -2.65 -16.08 -29.40
C ASN D 75 -1.37 -15.56 -30.08
N ASN D 76 -0.84 -14.43 -29.59
CA ASN D 76 0.38 -13.83 -30.12
C ASN D 76 1.44 -13.74 -29.04
N TRP D 77 2.69 -14.18 -29.35
CA TRP D 77 3.82 -14.01 -28.43
C TRP D 77 4.40 -12.61 -28.67
N GLY D 78 4.85 -11.96 -27.61
CA GLY D 78 5.47 -10.64 -27.70
C GLY D 78 6.98 -10.73 -27.85
N ARG D 79 7.67 -9.68 -27.42
CA ARG D 79 9.15 -9.64 -27.48
C ARG D 79 9.71 -10.55 -26.39
N GLU D 80 10.71 -11.34 -26.75
CA GLU D 80 11.33 -12.24 -25.79
C GLU D 80 12.36 -11.49 -24.96
N GLU D 81 12.43 -11.84 -23.67
CA GLU D 81 13.44 -11.34 -22.75
C GLU D 81 14.31 -12.54 -22.48
N ARG D 82 15.60 -12.43 -22.81
CA ARG D 82 16.52 -13.56 -22.68
C ARG D 82 17.53 -13.35 -21.57
N GLN D 83 17.81 -14.42 -20.81
CA GLN D 83 18.71 -14.37 -19.68
C GLN D 83 19.65 -15.55 -19.77
N SER D 84 20.96 -15.27 -19.88
CA SER D 84 21.95 -16.34 -19.96
C SER D 84 22.35 -16.88 -18.59
N ALA D 85 21.98 -16.18 -17.48
CA ALA D 85 22.22 -16.71 -16.12
C ALA D 85 21.33 -17.93 -16.04
N PHE D 86 21.93 -19.08 -15.75
CA PHE D 86 21.22 -20.35 -15.80
C PHE D 86 21.57 -21.22 -14.60
N PRO D 87 20.77 -21.12 -13.52
CA PRO D 87 21.09 -21.86 -12.28
C PRO D 87 20.63 -23.32 -12.21
N PHE D 88 20.06 -23.83 -13.29
CA PHE D 88 19.58 -25.20 -13.33
C PHE D 88 20.64 -26.15 -13.87
N GLU D 89 20.62 -27.40 -13.38
CA GLU D 89 21.52 -28.48 -13.80
C GLU D 89 20.74 -29.77 -13.83
N SER D 90 20.94 -30.59 -14.88
CA SER D 90 20.29 -31.89 -15.04
C SER D 90 20.57 -32.83 -13.87
N GLY D 91 19.52 -33.47 -13.36
CA GLY D 91 19.58 -34.38 -12.22
C GLY D 91 19.75 -33.68 -10.87
N LYS D 92 19.74 -32.33 -10.85
CA LYS D 92 19.97 -31.56 -9.61
C LYS D 92 18.72 -30.92 -9.02
N PRO D 93 18.60 -30.88 -7.66
CA PRO D 93 17.42 -30.25 -7.03
C PRO D 93 17.40 -28.74 -7.26
N PHE D 94 16.19 -28.18 -7.35
CA PHE D 94 16.07 -26.74 -7.52
C PHE D 94 14.94 -26.23 -6.63
N LYS D 95 14.96 -24.93 -6.38
CA LYS D 95 13.89 -24.20 -5.70
C LYS D 95 13.68 -22.94 -6.52
N ILE D 96 12.51 -22.81 -7.17
CA ILE D 96 12.16 -21.59 -7.91
C ILE D 96 11.21 -20.80 -7.03
N GLN D 97 11.49 -19.51 -6.83
CA GLN D 97 10.59 -18.66 -6.06
C GLN D 97 10.21 -17.49 -6.91
N VAL D 98 8.91 -17.27 -7.05
CA VAL D 98 8.38 -16.16 -7.83
C VAL D 98 7.70 -15.23 -6.86
N LEU D 99 8.24 -14.00 -6.72
CA LEU D 99 7.63 -12.99 -5.88
C LEU D 99 6.93 -11.99 -6.79
N VAL D 100 5.64 -11.83 -6.58
CA VAL D 100 4.86 -10.87 -7.34
C VAL D 100 4.99 -9.49 -6.66
N GLU D 101 5.39 -8.47 -7.43
CA GLU D 101 5.49 -7.09 -6.98
C GLU D 101 4.51 -6.30 -7.87
N ALA D 102 4.23 -5.05 -7.53
CA ALA D 102 3.28 -4.22 -8.29
C ALA D 102 3.69 -3.99 -9.74
N ASP D 103 4.99 -3.85 -10.02
CA ASP D 103 5.53 -3.55 -11.35
C ASP D 103 6.14 -4.75 -12.10
N HIS D 104 6.52 -5.81 -11.37
CA HIS D 104 7.15 -6.97 -11.99
C HIS D 104 7.03 -8.26 -11.19
N PHE D 105 7.44 -9.38 -11.83
CA PHE D 105 7.62 -10.65 -11.14
C PHE D 105 9.11 -10.67 -10.85
N LYS D 106 9.49 -11.17 -9.68
CA LYS D 106 10.90 -11.31 -9.30
C LYS D 106 11.12 -12.81 -9.20
N VAL D 107 12.12 -13.36 -9.92
CA VAL D 107 12.34 -14.79 -9.84
C VAL D 107 13.70 -15.02 -9.18
N ALA D 108 13.76 -15.95 -8.25
CA ALA D 108 14.97 -16.37 -7.61
C ALA D 108 15.04 -17.86 -7.68
N VAL D 109 16.24 -18.39 -7.82
CA VAL D 109 16.46 -19.83 -7.88
C VAL D 109 17.49 -20.16 -6.81
N ASN D 110 17.18 -21.13 -5.94
CA ASN D 110 18.06 -21.56 -4.84
C ASN D 110 18.54 -20.36 -3.98
N ASP D 111 17.58 -19.45 -3.65
CA ASP D 111 17.72 -18.23 -2.83
C ASP D 111 18.60 -17.13 -3.46
N VAL D 112 18.91 -17.26 -4.76
CA VAL D 112 19.73 -16.30 -5.49
C VAL D 112 18.89 -15.65 -6.58
N HIS D 113 18.88 -14.30 -6.61
CA HIS D 113 18.11 -13.55 -7.60
C HIS D 113 18.49 -13.96 -9.00
N LEU D 114 17.47 -14.22 -9.83
CA LEU D 114 17.69 -14.63 -11.20
C LEU D 114 17.29 -13.56 -12.19
N LEU D 115 16.04 -13.11 -12.14
CA LEU D 115 15.59 -12.11 -13.10
C LEU D 115 14.35 -11.42 -12.61
N GLN D 116 14.00 -10.35 -13.34
CA GLN D 116 12.80 -9.60 -13.10
C GLN D 116 12.06 -9.53 -14.42
N TYR D 117 10.74 -9.64 -14.38
CA TYR D 117 9.94 -9.60 -15.58
C TYR D 117 8.83 -8.61 -15.36
N ASN D 118 8.92 -7.45 -16.03
CA ASN D 118 7.91 -6.39 -15.86
C ASN D 118 6.59 -6.84 -16.40
N HIS D 119 5.51 -6.51 -15.67
CA HIS D 119 4.17 -6.88 -16.05
C HIS D 119 3.81 -6.24 -17.38
N ARG D 120 3.32 -7.06 -18.32
CA ARG D 120 2.85 -6.58 -19.62
C ARG D 120 1.33 -6.63 -19.53
N MET D 121 0.80 -7.72 -18.96
CA MET D 121 -0.63 -7.85 -18.69
C MET D 121 -0.80 -7.33 -17.26
N LYS D 122 -1.29 -6.08 -17.13
CA LYS D 122 -1.43 -5.38 -15.84
C LYS D 122 -2.64 -5.80 -14.99
N ASN D 123 -3.65 -6.49 -15.56
CA ASN D 123 -4.80 -6.95 -14.77
C ASN D 123 -4.41 -8.23 -14.00
N LEU D 124 -3.60 -8.04 -12.93
CA LEU D 124 -3.04 -9.11 -12.08
C LEU D 124 -4.09 -10.08 -11.51
N ARG D 125 -5.32 -9.60 -11.24
CA ARG D 125 -6.43 -10.41 -10.69
C ARG D 125 -6.97 -11.48 -11.64
N GLU D 126 -6.65 -11.35 -12.93
CA GLU D 126 -7.07 -12.28 -13.98
C GLU D 126 -6.11 -13.47 -14.17
N ILE D 127 -4.86 -13.35 -13.72
CA ILE D 127 -3.83 -14.40 -13.82
C ILE D 127 -4.19 -15.38 -12.68
N SER D 128 -5.13 -16.29 -12.97
N SER D 128 -5.12 -16.30 -12.98
CA SER D 128 -5.73 -17.20 -11.99
CA SER D 128 -5.77 -17.20 -12.04
C SER D 128 -5.22 -18.66 -11.98
C SER D 128 -5.25 -18.66 -12.01
N GLN D 129 -4.28 -19.01 -12.86
CA GLN D 129 -3.74 -20.39 -12.92
C GLN D 129 -2.26 -20.40 -13.23
N LEU D 130 -1.49 -21.34 -12.61
CA LEU D 130 -0.08 -21.53 -12.88
C LEU D 130 0.13 -22.96 -13.39
N GLY D 131 0.68 -23.08 -14.59
CA GLY D 131 1.02 -24.38 -15.17
C GLY D 131 2.50 -24.61 -15.02
N ILE D 132 2.90 -25.78 -14.50
CA ILE D 132 4.32 -26.12 -14.32
C ILE D 132 4.62 -27.33 -15.20
N ILE D 133 5.51 -27.19 -16.19
CA ILE D 133 5.72 -28.30 -17.13
C ILE D 133 7.22 -28.48 -17.44
N GLY D 134 7.53 -29.55 -18.17
CA GLY D 134 8.89 -29.79 -18.59
C GLY D 134 9.59 -30.95 -17.93
N ASP D 135 10.91 -30.95 -18.07
CA ASP D 135 11.80 -32.03 -17.66
C ASP D 135 12.23 -31.91 -16.23
N ILE D 136 11.25 -32.03 -15.32
CA ILE D 136 11.43 -31.95 -13.88
C ILE D 136 10.56 -32.97 -13.17
N THR D 137 10.93 -33.25 -11.92
CA THR D 137 10.10 -34.02 -10.99
C THR D 137 9.72 -32.95 -9.97
N LEU D 138 8.51 -33.00 -9.47
CA LEU D 138 8.05 -31.97 -8.55
C LEU D 138 7.86 -32.51 -7.15
N THR D 139 8.49 -31.87 -6.16
CA THR D 139 8.40 -32.20 -4.74
C THR D 139 7.24 -31.41 -4.09
N SER D 140 7.22 -30.08 -4.29
N SER D 140 7.21 -30.08 -4.31
CA SER D 140 6.22 -29.18 -3.71
CA SER D 140 6.16 -29.21 -3.77
C SER D 140 5.94 -27.95 -4.58
C SER D 140 5.92 -27.98 -4.61
N ALA D 141 4.70 -27.45 -4.51
CA ALA D 141 4.26 -26.25 -5.22
C ALA D 141 3.29 -25.56 -4.26
N SER D 142 3.65 -24.36 -3.83
CA SER D 142 2.80 -23.64 -2.89
C SER D 142 2.84 -22.15 -3.12
N HIS D 143 1.88 -21.44 -2.52
CA HIS D 143 1.82 -19.99 -2.57
C HIS D 143 1.43 -19.46 -1.19
N ALA D 144 1.88 -18.25 -0.91
CA ALA D 144 1.61 -17.58 0.35
C ALA D 144 1.73 -16.10 0.15
N MET D 145 1.03 -15.34 1.01
CA MET D 145 1.07 -13.89 1.04
C MET D 145 2.07 -13.54 2.14
N ILE D 146 3.16 -12.85 1.75
CA ILE D 146 4.27 -12.46 2.63
C ILE D 146 4.36 -10.91 2.73
BR BR E . -2.53 18.00 -6.95
C1 TD2 F . 6.37 21.00 -16.61
C2 TD2 F . 5.64 19.80 -15.97
C3 TD2 F . 4.41 20.39 -15.19
C4 TD2 F . 4.95 21.40 -14.09
C5 TD2 F . 5.67 22.51 -14.93
C6 TD2 F . 6.35 23.56 -14.00
N9 TD2 F . 1.90 18.54 -13.47
C12 TD2 F . 15.19 23.29 -18.75
C13 TD2 F . 15.63 22.16 -18.06
C14 TD2 F . 17.02 21.94 -17.96
C11 TD2 F . 8.42 21.85 -18.23
S1 TD2 F . 7.95 20.37 -17.26
O5 TD2 F . 6.74 21.90 -15.63
O51 TD2 F . 8.08 21.61 -19.59
C51 TD2 F . 8.18 22.81 -20.33
C61 TD2 F . 7.51 22.56 -21.71
O6 TD2 F . 6.76 24.69 -14.70
O61 TD2 F . 7.60 23.80 -22.40
C41 TD2 F . 9.70 23.17 -20.42
O4 TD2 F . 5.96 20.81 -13.29
O41 TD2 F . 10.35 22.10 -21.01
C31 TD2 F . 10.21 23.32 -18.93
C21 TD2 F . 9.92 22.01 -18.12
O2 TD2 F . 10.35 22.23 -16.80
O21 TD2 F . 5.15 18.96 -16.98
N7 TD2 F . 11.64 23.58 -18.93
C8 TD2 F . 12.72 22.74 -18.71
C9 TD2 F . 13.80 23.57 -18.85
N10 TD2 F . 13.32 24.83 -19.16
N11 TD2 F . 12.05 24.82 -19.21
N71 TD2 F . 3.61 19.34 -14.55
N8 TD2 F . 2.44 19.63 -13.86
C10 TD2 F . 2.71 17.44 -13.87
C71 TD2 F . 3.80 17.95 -14.54
C15 TD2 F . 17.95 22.82 -18.51
C16 TD2 F . 17.49 23.95 -19.23
C17 TD2 F . 16.13 24.18 -19.36
C22 TD2 F . 2.38 16.06 -13.60
C23 TD2 F . 3.28 15.02 -13.95
C24 TD2 F . 3.04 13.72 -13.47
C25 TD2 F . 1.89 13.46 -12.66
C26 TD2 F . 1.01 14.50 -12.38
C27 TD2 F . 1.22 15.79 -12.85
F18 TD2 F . 17.46 20.81 -17.39
F28 TD2 F . -0.09 14.26 -11.69
H1 TD2 F . 5.79 21.45 -17.42
H2 TD2 F . 6.33 19.27 -15.32
H3 TD2 F . 3.75 20.91 -15.88
H4 TD2 F . 4.15 21.81 -13.50
H5 TD2 F . 4.97 22.98 -15.62
H6 TD2 F . 5.68 23.79 -13.18
H7 TD2 F . 7.26 23.15 -13.59
H8 TD2 F . 14.93 21.45 -17.63
H9 TD2 F . 7.90 22.70 -17.80
H10 TD2 F . 7.64 23.62 -19.84
H11 TD2 F . 6.50 22.19 -21.61
H12 TD2 F . 8.08 21.85 -22.31
H13 TD2 F . 6.12 24.87 -15.45
H14 TD2 F . 6.80 24.34 -22.17
H15 TD2 F . 9.83 24.10 -20.98
H16 TD2 F . 5.52 20.17 -12.67
H17 TD2 F . 11.09 22.48 -21.55
H18 TD2 F . 9.72 24.17 -18.45
H19 TD2 F . 10.41 21.15 -18.56
H20 TD2 F . 11.20 21.73 -16.69
H21 TD2 F . 5.73 18.15 -17.00
H22 TD2 F . 12.67 21.68 -18.50
H23 TD2 F . 4.65 17.41 -14.97
H24 TD2 F . 19.01 22.65 -18.38
H25 TD2 F . 18.20 24.62 -19.69
H26 TD2 F . 15.78 25.04 -19.93
H27 TD2 F . 4.14 15.20 -14.59
H28 TD2 F . 3.74 12.92 -13.69
H29 TD2 F . 1.71 12.47 -12.25
H30 TD2 F . 0.48 16.56 -12.64
BR BR G . 2.15 -11.88 25.15
C1 TD2 H . 11.49 -3.94 30.91
C2 TD2 H . 9.97 -3.93 30.63
C3 TD2 H . 9.59 -5.39 30.19
C4 TD2 H . 10.42 -5.74 28.90
C5 TD2 H . 11.92 -5.64 29.35
C6 TD2 H . 12.90 -5.90 28.18
N9 TD2 H . 6.20 -4.82 29.18
C12 TD2 H . 18.44 2.23 29.33
C13 TD2 H . 17.45 3.17 29.08
C14 TD2 H . 17.83 4.37 28.48
C11 TD2 H . 13.77 -2.49 31.63
S1 TD2 H . 12.03 -2.21 31.13
O5 TD2 H . 12.20 -4.31 29.76
O51 TD2 H . 13.89 -2.47 33.03
C51 TD2 H . 15.17 -2.86 33.43
C61 TD2 H . 15.08 -3.00 34.97
O6 TD2 H . 14.23 -5.99 28.59
O61 TD2 H . 16.39 -3.12 35.51
C41 TD2 H . 16.23 -1.79 32.95
O4 TD2 H . 10.24 -4.76 27.89
O41 TD2 H . 15.86 -0.54 33.47
C31 TD2 H . 16.10 -1.73 31.40
C21 TD2 H . 14.62 -1.37 31.01
O2 TD2 H . 14.55 -1.35 29.62
O21 TD2 H . 9.26 -3.69 31.79
N7 TD2 H . 17.07 -0.75 30.86
C8 TD2 H . 16.85 0.54 30.41
C9 TD2 H . 18.08 0.97 29.94
N10 TD2 H . 18.99 -0.08 30.15
N11 TD2 H . 18.38 -1.08 30.69
N71 TD2 H . 8.14 -5.48 29.96
N8 TD2 H . 7.46 -4.57 29.15
C10 TD2 H . 5.96 -5.92 30.03
C71 TD2 H . 7.20 -6.35 30.53
C15 TD2 H . 19.15 4.69 28.14
C16 TD2 H . 20.14 3.74 28.40
C17 TD2 H . 19.80 2.51 28.99
C22 TD2 H . 4.62 -6.42 30.28
C23 TD2 H . 4.38 -7.34 31.32
C24 TD2 H . 3.07 -7.84 31.52
C25 TD2 H . 2.00 -7.40 30.71
C26 TD2 H . 2.25 -6.46 29.69
C27 TD2 H . 3.54 -5.97 29.45
F18 TD2 H . 16.87 5.26 28.24
F28 TD2 H . 1.25 -6.00 28.94
H1 TD2 H . 11.75 -4.54 31.79
H2 TD2 H . 9.76 -3.18 29.87
H3 TD2 H . 9.83 -6.09 30.97
H4 TD2 H . 10.19 -6.74 28.55
H5 TD2 H . 12.12 -6.34 30.16
H6 TD2 H . 12.58 -6.77 27.62
H7 TD2 H . 12.89 -5.06 27.50
H8 TD2 H . 16.41 2.99 29.32
H9 TD2 H . 14.08 -3.45 31.20
H10 TD2 H . 15.44 -3.83 33.03
H11 TD2 H . 14.41 -3.81 35.25
H12 TD2 H . 14.69 -2.08 35.41
H13 TD2 H . 14.78 -5.91 27.77
H14 TD2 H . 16.33 -3.64 36.36
H15 TD2 H . 17.23 -2.08 33.24
H16 TD2 H . 10.40 -5.18 27.01
H17 TD2 H . 16.22 -0.48 34.39
H18 TD2 H . 16.35 -2.69 30.97
H19 TD2 H . 14.33 -0.42 31.45
H20 TD2 H . 14.52 -0.40 29.35
H21 TD2 H . 8.51 -3.07 31.57
H22 TD2 H . 15.90 1.08 30.47
H23 TD2 H . 7.43 -7.18 31.22
H24 TD2 H . 19.41 5.64 27.69
H25 TD2 H . 21.18 3.95 28.12
H26 TD2 H . 20.58 1.78 29.20
H27 TD2 H . 5.20 -7.67 31.96
H28 TD2 H . 2.89 -8.56 32.32
H29 TD2 H . 0.99 -7.79 30.86
H30 TD2 H . 3.70 -5.25 28.64
BR BR I . -26.85 -0.12 -5.91
BR BR J . -28.68 -7.91 -2.47
C1 TD2 K . -19.15 4.50 -16.30
C2 TD2 K . -19.41 3.22 -15.53
C3 TD2 K . -20.77 3.44 -14.73
C4 TD2 K . -20.53 4.62 -13.72
C5 TD2 K . -20.17 5.85 -14.60
C6 TD2 K . -19.78 7.09 -13.74
N9 TD2 K . -20.56 0.39 -12.95
C12 TD2 K . -11.30 8.96 -18.62
C13 TD2 K . -10.62 7.75 -18.41
C14 TD2 K . -9.27 7.80 -18.03
C11 TD2 K . -17.57 5.90 -18.06
S1 TD2 K . -17.52 4.35 -17.15
O5 TD2 K . -18.99 5.58 -15.42
O51 TD2 K . -18.02 5.67 -19.39
C51 TD2 K . -18.16 6.94 -20.06
C61 TD2 K . -18.99 6.70 -21.36
O6 TD2 K . -19.64 8.22 -14.56
O61 TD2 K . -18.26 5.97 -22.25
C41 TD2 K . -16.75 7.56 -20.31
O4 TD2 K . -19.44 4.31 -12.93
O41 TD2 K . -15.94 6.64 -20.97
C31 TD2 K . -16.18 7.80 -18.87
C21 TD2 K . -16.13 6.45 -18.08
O2 TD2 K . -15.68 6.76 -16.78
O21 TD2 K . -19.63 2.10 -16.34
N7 TD2 K . -14.87 8.43 -18.97
C8 TD2 K . -13.61 7.89 -18.72
C9 TD2 K . -12.74 8.92 -18.88
N10 TD2 K . -13.48 10.05 -19.25
N11 TD2 K . -14.73 9.76 -19.30
N71 TD2 K . -21.08 2.18 -14.05
N8 TD2 K . -20.10 1.49 -13.38
C10 TD2 K . -21.92 0.27 -13.31
C71 TD2 K . -22.27 1.44 -14.02
C15 TD2 K . -8.60 9.03 -17.85
C16 TD2 K . -9.30 10.22 -18.08
C17 TD2 K . -10.65 10.19 -18.48
C22 TD2 K . -22.71 -0.88 -12.97
C23 TD2 K . -24.10 -0.88 -13.14
C24 TD2 K . -24.86 -1.99 -12.66
C25 TD2 K . -24.22 -3.09 -12.04
C26 TD2 K . -22.81 -3.05 -11.93
C27 TD2 K . -22.05 -1.97 -12.40
F18 TD2 K . -8.60 6.67 -17.86
F28 TD2 K . -22.14 -4.09 -11.43
H1 TD2 K . -19.93 4.67 -17.04
H2 TD2 K . -18.55 3.05 -14.86
H3 TD2 K . -21.58 3.66 -15.42
H4 TD2 K . -21.43 4.81 -13.13
H5 TD2 K . -21.01 6.09 -15.25
H6 TD2 K . -20.49 7.23 -12.94
H7 TD2 K . -18.80 6.95 -13.30
H8 TD2 K . -11.10 6.78 -18.52
H9 TD2 K . -18.22 6.58 -17.51
H10 TD2 K . -18.74 7.62 -19.44
H11 TD2 K . -19.33 7.65 -21.76
H12 TD2 K . -19.87 6.10 -21.14
H13 TD2 K . -20.37 8.24 -15.22
H14 TD2 K . -18.05 6.56 -23.02
H15 TD2 K . -16.86 8.49 -20.86
H16 TD2 K . -19.46 4.88 -12.12
H17 TD2 K . -15.31 7.16 -21.54
H18 TD2 K . -16.82 8.51 -18.34
H19 TD2 K . -15.48 5.72 -18.56
H20 TD2 K . -14.77 6.38 -16.71
H21 TD2 K . -18.97 1.40 -16.07
H22 TD2 K . -13.42 6.84 -18.50
H23 TD2 K . -23.22 1.74 -14.45
H24 TD2 K . -7.56 9.04 -17.55
H25 TD2 K . -8.79 11.17 -17.95
H26 TD2 K . -11.17 11.12 -18.67
H27 TD2 K . -24.62 -0.05 -13.60
H28 TD2 K . -25.95 -2.01 -12.77
H29 TD2 K . -24.78 -3.93 -11.64
H30 TD2 K . -20.97 -2.03 -12.32
BR BR L . 0.54 -24.93 -18.78
C1 TD2 M . 8.55 -20.27 -28.89
C2 TD2 M . 8.03 -21.60 -28.29
C3 TD2 M . 6.79 -21.21 -27.42
C4 TD2 M . 7.23 -20.19 -26.32
C5 TD2 M . 7.75 -18.96 -27.10
C6 TD2 M . 8.26 -17.79 -26.19
N9 TD2 M . 4.61 -23.36 -25.62
C12 TD2 M . 16.93 -16.96 -31.37
C13 TD2 M . 17.42 -18.25 -31.03
C14 TD2 M . 18.78 -18.45 -31.03
C11 TD2 M . 10.36 -19.08 -30.60
S1 TD2 M . 10.15 -20.67 -29.72
O5 TD2 M . 8.87 -19.35 -27.86
O51 TD2 M . 9.84 -19.29 -31.91
C51 TD2 M . 9.80 -18.08 -32.66
C61 TD2 M . 9.03 -18.44 -33.99
O6 TD2 M . 8.73 -16.74 -27.00
O61 TD2 M . 9.03 -17.31 -34.84
C41 TD2 M . 11.27 -17.57 -32.90
O4 TD2 M . 8.29 -20.72 -25.60
O41 TD2 M . 11.98 -18.59 -33.54
C31 TD2 M . 11.95 -17.38 -31.46
C21 TD2 M . 11.86 -18.73 -30.66
O2 TD2 M . 12.44 -18.47 -29.40
O21 TD2 M . 7.56 -22.41 -29.32
N7 TD2 M . 13.34 -16.95 -31.59
C8 TD2 M . 14.51 -17.67 -31.35
C9 TD2 M . 15.53 -16.77 -31.52
N10 TD2 M . 14.95 -15.56 -31.89
N11 TD2 M . 13.67 -15.68 -31.92
N71 TD2 M . 6.15 -22.37 -26.79
N8 TD2 M . 5.03 -22.21 -26.01
C10 TD2 M . 5.45 -24.39 -26.13
C71 TD2 M . 6.47 -23.76 -26.87
C15 TD2 M . 19.69 -17.44 -31.40
C16 TD2 M . 19.19 -16.16 -31.70
C17 TD2 M . 17.81 -15.90 -31.67
C22 TD2 M . 5.19 -25.82 -25.92
C23 TD2 M . 4.19 -26.23 -25.01
C24 TD2 M . 3.91 -27.59 -24.82
C25 TD2 M . 4.62 -28.57 -25.56
C26 TD2 M . 5.64 -28.13 -26.44
C27 TD2 M . 5.91 -26.77 -26.64
F18 TD2 M . 19.24 -19.62 -30.61
F28 TD2 M . 6.42 -29.01 -27.02
H1 TD2 M . 7.86 -19.87 -29.63
H2 TD2 M . 8.82 -22.07 -27.73
H3 TD2 M . 6.03 -20.76 -28.05
H4 TD2 M . 6.41 -19.91 -25.66
H5 TD2 M . 6.96 -18.58 -27.76
H6 TD2 M . 7.49 -17.49 -25.48
H7 TD2 M . 9.13 -18.11 -25.62
H8 TD2 M . 16.75 -19.08 -30.76
H9 TD2 M . 9.81 -18.32 -30.05
H10 TD2 M . 9.23 -17.32 -32.12
H11 TD2 M . 8.03 -18.80 -33.78
H12 TD2 M . 9.54 -19.22 -34.55
H13 TD2 M . 8.03 -16.50 -27.66
H14 TD2 M . 8.45 -17.50 -35.62
H15 TD2 M . 11.26 -16.64 -33.46
H16 TD2 M . 8.43 -20.19 -24.77
H17 TD2 M . 11.53 -19.46 -33.38
H18 TD2 M . 11.42 -16.59 -30.91
H19 TD2 M . 12.39 -19.53 -31.17
H20 TD2 M . 13.26 -19.00 -29.33
H21 TD2 M . 8.24 -23.10 -29.51
H22 TD2 M . 14.56 -18.73 -31.11
H23 TD2 M . 7.31 -24.20 -27.39
H24 TD2 M . 20.76 -17.64 -31.47
H25 TD2 M . 19.87 -15.36 -31.97
H26 TD2 M . 17.44 -14.90 -31.87
H27 TD2 M . 3.62 -25.49 -24.43
H28 TD2 M . 3.13 -27.90 -24.13
H29 TD2 M . 4.40 -29.63 -25.44
H30 TD2 M . 6.69 -26.49 -27.36
#